data_2YL2
#
_entry.id   2YL2
#
_cell.length_a   60.670
_cell.length_b   60.870
_cell.length_c   70.370
_cell.angle_alpha   92.04
_cell.angle_beta   98.00
_cell.angle_gamma   92.20
#
_symmetry.space_group_name_H-M   'P 1'
#
loop_
_entity.id
_entity.type
_entity.pdbx_description
1 polymer 'ACETYL-COA CARBOXYLASE 1'
2 water water
#
_entity_poly.entity_id   1
_entity_poly.type   'polypeptide(L)'
_entity_poly.pdbx_seq_one_letter_code
;SMSGLHLVKQGRDRKKIDSQRDFTVASPAEFVTRFGGNKVIEKVLIANNGIAAVKCMRSIRRWSYEMFRNERAIRFVVMV
TPEDLKANAEYIKMADHYVPVPGGPNNNNYANVELILDIAKRIPVQAVWAGWGHASENPKLPELLLKNGIAFMGPPSQAM
WALGDKIASSIVAQTAGIPTLPWSGSGLRVDWQENDFSKRILNVPQELYEKGYVKDVDDGLQAAEEVGYPVMIKASEGGG
GKGIRKVNNADDFPNLFRQVQAEVPGSPIFVMRLAKQSRHLEVQILADQYGNAISLFGRDCSVQRRHQKIIEEAPATIAT
PAVFEHMEQCAVKLAKMVGYVSAGTVEYLYSQDGSFYFLELNPRLQVEHPCTEMVADVNLPAAQLQIAMGIPLYRIKDIR
MMYGVSPWGDSPIDFEDSAHVPCPRGHVIAARITSENPDEGFKPSSGTVQELNFRSNKNVWGYFSVAAAGGLHEFADSQF
GHCFSWGENREEAISNMVVALKELSIRGDFRTTVEYLIKLLETESFQMNRIDTGWLDRLI
;
_entity_poly.pdbx_strand_id   A,B
#
# COMPACT_ATOMS: atom_id res chain seq x y z
N VAL A 25 18.61 -24.91 -37.01
CA VAL A 25 19.25 -25.37 -35.77
C VAL A 25 18.41 -26.45 -35.10
N ALA A 26 19.07 -27.38 -34.38
CA ALA A 26 18.45 -28.53 -33.72
C ALA A 26 17.92 -28.22 -32.35
N SER A 27 18.47 -27.19 -31.71
CA SER A 27 18.15 -26.90 -30.32
C SER A 27 18.53 -25.48 -29.90
N PRO A 28 17.98 -24.97 -28.76
CA PRO A 28 18.38 -23.65 -28.25
C PRO A 28 19.90 -23.53 -28.06
N ALA A 29 20.57 -24.62 -27.61
CA ALA A 29 22.02 -24.65 -27.43
C ALA A 29 22.78 -24.44 -28.75
N GLU A 30 22.33 -25.07 -29.83
CA GLU A 30 22.92 -24.93 -31.17
C GLU A 30 22.70 -23.53 -31.72
N PHE A 31 21.48 -22.97 -31.46
CA PHE A 31 21.09 -21.61 -31.87
C PHE A 31 22.08 -20.60 -31.29
N VAL A 32 22.37 -20.73 -29.99
CA VAL A 32 23.29 -19.86 -29.24
C VAL A 32 24.70 -19.88 -29.87
N THR A 33 25.20 -21.09 -30.24
CA THR A 33 26.51 -21.24 -30.88
C THR A 33 26.52 -20.63 -32.30
N ARG A 34 25.56 -21.05 -33.15
CA ARG A 34 25.42 -20.58 -34.53
C ARG A 34 25.25 -19.06 -34.62
N PHE A 35 24.45 -18.46 -33.71
CA PHE A 35 24.18 -17.02 -33.74
C PHE A 35 25.02 -16.12 -32.82
N GLY A 36 26.10 -16.68 -32.28
CA GLY A 36 27.07 -15.94 -31.49
C GLY A 36 26.68 -15.49 -30.08
N GLY A 37 25.84 -16.26 -29.41
CA GLY A 37 25.43 -15.99 -28.04
C GLY A 37 26.32 -16.67 -27.02
N ASN A 38 26.03 -16.47 -25.74
CA ASN A 38 26.86 -17.04 -24.68
C ASN A 38 26.09 -17.68 -23.54
N LYS A 39 24.77 -17.76 -23.64
CA LYS A 39 23.95 -18.29 -22.57
C LYS A 39 22.81 -19.12 -23.15
N VAL A 40 22.75 -20.44 -22.81
CA VAL A 40 21.66 -21.32 -23.29
C VAL A 40 20.38 -21.13 -22.43
N ILE A 41 19.28 -20.70 -23.06
CA ILE A 41 17.99 -20.56 -22.39
C ILE A 41 17.02 -21.54 -23.02
N GLU A 42 16.60 -22.53 -22.24
CA GLU A 42 15.63 -23.52 -22.71
C GLU A 42 14.31 -23.39 -21.95
N LYS A 43 14.33 -22.66 -20.82
CA LYS A 43 13.19 -22.52 -19.94
C LYS A 43 13.13 -21.14 -19.35
N VAL A 44 11.96 -20.54 -19.46
CA VAL A 44 11.70 -19.18 -19.00
C VAL A 44 10.60 -19.22 -17.95
N LEU A 45 10.81 -18.51 -16.84
CA LEU A 45 9.77 -18.33 -15.84
C LEU A 45 9.09 -16.99 -16.13
N ILE A 46 7.75 -17.02 -16.28
CA ILE A 46 6.92 -15.83 -16.46
C ILE A 46 6.49 -15.32 -15.07
N ALA A 47 6.98 -14.12 -14.72
CA ALA A 47 6.64 -13.43 -13.47
C ALA A 47 5.47 -12.45 -13.79
N ASN A 48 4.33 -13.00 -14.20
CA ASN A 48 3.14 -12.26 -14.63
C ASN A 48 1.95 -13.22 -14.85
N ASN A 49 0.81 -12.68 -15.27
CA ASN A 49 -0.40 -13.42 -15.61
C ASN A 49 -1.11 -12.68 -16.76
N GLY A 50 -2.38 -13.02 -16.99
CA GLY A 50 -3.21 -12.34 -18.00
C GLY A 50 -2.64 -12.31 -19.40
N ILE A 51 -2.88 -11.21 -20.12
CA ILE A 51 -2.44 -10.97 -21.50
C ILE A 51 -0.90 -10.98 -21.64
N ALA A 52 -0.17 -10.44 -20.64
CA ALA A 52 1.28 -10.41 -20.65
C ALA A 52 1.84 -11.84 -20.78
N ALA A 53 1.42 -12.76 -19.85
CA ALA A 53 1.82 -14.17 -19.85
C ALA A 53 1.47 -14.85 -21.19
N VAL A 54 0.24 -14.57 -21.73
CA VAL A 54 -0.24 -15.12 -23.00
C VAL A 54 0.56 -14.59 -24.20
N LYS A 55 0.76 -13.26 -24.26
CA LYS A 55 1.51 -12.61 -25.34
C LYS A 55 2.98 -13.09 -25.45
N CYS A 56 3.69 -13.21 -24.33
CA CYS A 56 5.06 -13.70 -24.24
C CYS A 56 5.16 -15.12 -24.82
N MET A 57 4.23 -16.03 -24.42
CA MET A 57 4.17 -17.41 -24.87
C MET A 57 3.88 -17.48 -26.36
N ARG A 58 2.81 -16.76 -26.84
CA ARG A 58 2.46 -16.75 -28.26
C ARG A 58 3.57 -16.20 -29.16
N SER A 59 4.15 -15.04 -28.80
CA SER A 59 5.24 -14.46 -29.61
C SER A 59 6.49 -15.35 -29.66
N ILE A 60 6.94 -15.88 -28.51
CA ILE A 60 8.13 -16.74 -28.46
C ILE A 60 7.91 -18.09 -29.16
N ARG A 61 6.76 -18.74 -28.90
CA ARG A 61 6.43 -20.04 -29.49
C ARG A 61 6.36 -20.00 -31.03
N ARG A 62 5.95 -18.85 -31.62
CA ARG A 62 5.93 -18.63 -33.07
C ARG A 62 7.36 -18.59 -33.64
N TRP A 63 8.26 -17.90 -32.90
CA TRP A 63 9.66 -17.78 -33.27
C TRP A 63 10.33 -19.17 -33.18
N SER A 64 10.01 -19.94 -32.13
CA SER A 64 10.54 -21.29 -31.89
C SER A 64 10.11 -22.26 -32.97
N TYR A 65 8.85 -22.13 -33.46
CA TYR A 65 8.39 -22.97 -34.56
C TYR A 65 9.20 -22.61 -35.83
N GLU A 66 9.42 -21.31 -36.10
CA GLU A 66 10.21 -20.85 -37.24
C GLU A 66 11.67 -21.36 -37.17
N MET A 67 12.29 -21.33 -35.98
CA MET A 67 13.68 -21.74 -35.80
C MET A 67 13.95 -23.22 -35.63
N PHE A 68 13.10 -23.94 -34.86
CA PHE A 68 13.34 -25.34 -34.50
C PHE A 68 12.24 -26.31 -34.92
N ARG A 69 11.13 -25.80 -35.54
CA ARG A 69 9.96 -26.59 -35.96
C ARG A 69 9.34 -27.33 -34.77
N ASN A 70 9.48 -26.70 -33.61
CA ASN A 70 8.97 -27.11 -32.32
C ASN A 70 8.65 -25.80 -31.56
N GLU A 71 7.35 -25.52 -31.36
CA GLU A 71 6.94 -24.28 -30.70
C GLU A 71 7.25 -24.29 -29.19
N ARG A 72 7.52 -25.49 -28.66
CA ARG A 72 7.79 -25.74 -27.24
C ARG A 72 9.28 -25.89 -26.96
N ALA A 73 10.13 -25.53 -27.96
CA ALA A 73 11.59 -25.61 -27.85
C ALA A 73 12.11 -24.80 -26.65
N ILE A 74 11.51 -23.60 -26.39
CA ILE A 74 11.78 -22.77 -25.20
C ILE A 74 10.55 -23.04 -24.32
N ARG A 75 10.75 -23.75 -23.21
CA ARG A 75 9.62 -24.05 -22.34
C ARG A 75 9.25 -22.87 -21.47
N PHE A 76 7.97 -22.81 -21.05
CA PHE A 76 7.46 -21.77 -20.16
C PHE A 76 6.90 -22.28 -18.86
N VAL A 77 7.39 -21.70 -17.74
CA VAL A 77 6.92 -21.95 -16.37
C VAL A 77 6.04 -20.73 -16.00
N VAL A 78 4.84 -20.99 -15.46
CA VAL A 78 3.93 -19.91 -15.02
C VAL A 78 3.66 -19.96 -13.52
N MET A 79 3.35 -18.80 -12.94
CA MET A 79 3.01 -18.66 -11.53
C MET A 79 1.49 -18.54 -11.46
N VAL A 80 0.85 -19.34 -10.61
CA VAL A 80 -0.62 -19.39 -10.51
C VAL A 80 -1.17 -19.07 -9.11
N THR A 81 -1.95 -17.98 -9.02
CA THR A 81 -2.60 -17.58 -7.76
C THR A 81 -3.89 -18.38 -7.66
N PRO A 82 -4.40 -18.63 -6.42
CA PRO A 82 -5.71 -19.32 -6.29
C PRO A 82 -6.82 -18.64 -7.10
N GLU A 83 -6.79 -17.28 -7.15
CA GLU A 83 -7.71 -16.41 -7.88
C GLU A 83 -7.68 -16.73 -9.38
N ASP A 84 -6.46 -16.75 -9.98
CA ASP A 84 -6.25 -17.09 -11.40
C ASP A 84 -6.65 -18.54 -11.72
N LEU A 85 -6.36 -19.49 -10.78
CA LEU A 85 -6.72 -20.90 -10.91
C LEU A 85 -8.25 -21.08 -10.87
N LYS A 86 -8.93 -20.42 -9.91
CA LYS A 86 -10.40 -20.42 -9.78
C LYS A 86 -11.09 -19.80 -11.01
N ALA A 87 -10.46 -18.77 -11.62
CA ALA A 87 -10.95 -18.10 -12.82
C ALA A 87 -10.72 -18.92 -14.09
N ASN A 88 -9.88 -19.98 -13.99
CA ASN A 88 -9.48 -20.81 -15.12
C ASN A 88 -8.73 -19.98 -16.20
N ALA A 89 -7.82 -19.08 -15.71
CA ALA A 89 -6.95 -18.21 -16.51
C ALA A 89 -6.23 -19.03 -17.56
N GLU A 90 -6.45 -18.67 -18.84
CA GLU A 90 -5.94 -19.38 -20.01
C GLU A 90 -4.44 -19.65 -20.06
N TYR A 91 -3.61 -18.78 -19.44
CA TYR A 91 -2.14 -18.87 -19.45
C TYR A 91 -1.63 -20.14 -18.74
N ILE A 92 -2.41 -20.63 -17.73
CA ILE A 92 -2.12 -21.82 -16.92
C ILE A 92 -2.00 -23.07 -17.80
N LYS A 93 -3.02 -23.37 -18.62
CA LYS A 93 -3.03 -24.55 -19.49
C LYS A 93 -2.10 -24.41 -20.68
N MET A 94 -1.85 -23.16 -21.13
CA MET A 94 -0.93 -22.80 -22.20
C MET A 94 0.51 -23.15 -21.81
N ALA A 95 0.85 -22.94 -20.52
CA ALA A 95 2.17 -23.17 -19.95
C ALA A 95 2.60 -24.63 -20.05
N ASP A 96 3.92 -24.85 -20.12
CA ASP A 96 4.51 -26.19 -20.17
C ASP A 96 4.55 -26.76 -18.75
N HIS A 97 4.56 -25.87 -17.75
CA HIS A 97 4.64 -26.15 -16.33
C HIS A 97 4.06 -24.94 -15.56
N TYR A 98 3.33 -25.22 -14.48
CA TYR A 98 2.72 -24.20 -13.63
C TYR A 98 3.10 -24.40 -12.16
N VAL A 99 3.20 -23.30 -11.42
CA VAL A 99 3.61 -23.30 -10.02
C VAL A 99 2.56 -22.53 -9.21
N PRO A 100 1.84 -23.19 -8.27
CA PRO A 100 0.89 -22.44 -7.42
C PRO A 100 1.63 -21.52 -6.47
N VAL A 101 1.21 -20.26 -6.42
CA VAL A 101 1.83 -19.23 -5.57
C VAL A 101 0.80 -18.70 -4.55
N PRO A 102 1.19 -18.03 -3.43
CA PRO A 102 0.17 -17.52 -2.49
C PRO A 102 -0.75 -16.45 -3.09
N GLY A 103 -2.01 -16.47 -2.69
CA GLY A 103 -3.01 -15.52 -3.18
C GLY A 103 -2.93 -14.15 -2.54
N GLY A 104 -3.89 -13.31 -2.91
CA GLY A 104 -4.04 -11.94 -2.42
C GLY A 104 -3.36 -10.90 -3.30
N PRO A 105 -2.95 -9.74 -2.71
CA PRO A 105 -2.28 -8.70 -3.54
C PRO A 105 -0.95 -9.19 -4.10
N ASN A 106 -0.59 -8.66 -5.28
CA ASN A 106 0.60 -8.99 -6.05
C ASN A 106 1.92 -9.00 -5.30
N ASN A 107 1.98 -8.34 -4.12
CA ASN A 107 3.20 -8.33 -3.28
C ASN A 107 3.50 -9.71 -2.68
N ASN A 108 2.49 -10.60 -2.60
CA ASN A 108 2.63 -11.97 -2.08
C ASN A 108 2.93 -12.97 -3.21
N ASN A 109 2.70 -12.56 -4.46
CA ASN A 109 2.87 -13.42 -5.63
C ASN A 109 3.76 -12.82 -6.74
N TYR A 110 3.12 -12.37 -7.83
CA TYR A 110 3.68 -11.82 -9.05
C TYR A 110 4.75 -10.75 -8.91
N ALA A 111 4.63 -9.90 -7.88
CA ALA A 111 5.55 -8.82 -7.60
C ALA A 111 6.56 -9.17 -6.50
N ASN A 112 6.46 -10.38 -5.89
CA ASN A 112 7.36 -10.88 -4.84
C ASN A 112 8.65 -11.40 -5.44
N VAL A 113 9.69 -10.57 -5.39
CA VAL A 113 11.02 -10.84 -5.95
C VAL A 113 11.69 -12.09 -5.34
N GLU A 114 11.55 -12.27 -4.02
CA GLU A 114 12.10 -13.41 -3.28
C GLU A 114 11.45 -14.73 -3.76
N LEU A 115 10.11 -14.72 -4.01
CA LEU A 115 9.34 -15.86 -4.51
C LEU A 115 9.75 -16.20 -5.94
N ILE A 116 9.90 -15.17 -6.81
CA ILE A 116 10.30 -15.33 -8.21
C ILE A 116 11.64 -16.04 -8.26
N LEU A 117 12.62 -15.58 -7.44
CA LEU A 117 13.96 -16.14 -7.39
C LEU A 117 13.95 -17.59 -6.97
N ASP A 118 13.22 -17.90 -5.88
CA ASP A 118 13.05 -19.25 -5.31
CA ASP A 118 13.10 -19.25 -5.33
C ASP A 118 12.54 -20.25 -6.35
N ILE A 119 11.53 -19.84 -7.15
CA ILE A 119 10.94 -20.69 -8.20
C ILE A 119 11.96 -20.86 -9.34
N ALA A 120 12.64 -19.75 -9.72
CA ALA A 120 13.64 -19.72 -10.77
C ALA A 120 14.77 -20.70 -10.45
N LYS A 121 15.24 -20.69 -9.20
CA LYS A 121 16.32 -21.55 -8.72
C LYS A 121 15.95 -23.03 -8.61
N ARG A 122 14.69 -23.30 -8.23
CA ARG A 122 14.11 -24.61 -7.93
C ARG A 122 13.80 -25.48 -9.15
N ILE A 123 13.23 -24.91 -10.24
CA ILE A 123 12.89 -25.69 -11.44
C ILE A 123 14.13 -26.45 -12.00
N PRO A 124 15.25 -25.81 -12.37
CA PRO A 124 15.49 -24.36 -12.46
C PRO A 124 15.10 -23.81 -13.84
N VAL A 125 15.03 -22.48 -13.98
CA VAL A 125 14.77 -21.83 -15.28
C VAL A 125 16.09 -21.11 -15.61
N GLN A 126 16.30 -20.70 -16.88
CA GLN A 126 17.54 -19.99 -17.24
C GLN A 126 17.33 -18.48 -17.40
N ALA A 127 16.05 -18.04 -17.47
CA ALA A 127 15.65 -16.64 -17.61
C ALA A 127 14.26 -16.37 -17.02
N VAL A 128 14.02 -15.10 -16.68
CA VAL A 128 12.74 -14.59 -16.18
C VAL A 128 12.25 -13.49 -17.10
N TRP A 129 10.97 -13.55 -17.47
CA TRP A 129 10.31 -12.48 -18.21
C TRP A 129 9.24 -11.93 -17.26
N ALA A 130 9.32 -10.63 -16.94
CA ALA A 130 8.40 -9.97 -16.01
C ALA A 130 7.25 -9.24 -16.71
N GLY A 131 7.45 -8.86 -17.97
CA GLY A 131 6.45 -8.16 -18.77
C GLY A 131 6.24 -6.73 -18.36
N TRP A 132 4.96 -6.36 -18.18
CA TRP A 132 4.54 -5.03 -17.75
C TRP A 132 3.69 -5.22 -16.49
N GLY A 133 3.77 -4.26 -15.56
CA GLY A 133 3.13 -4.33 -14.24
C GLY A 133 3.94 -5.22 -13.31
N HIS A 134 3.36 -5.59 -12.12
CA HIS A 134 3.97 -6.45 -11.09
C HIS A 134 5.40 -6.03 -10.68
N ALA A 135 6.40 -6.93 -10.80
CA ALA A 135 7.82 -6.65 -10.49
C ALA A 135 8.65 -6.22 -11.71
N SER A 136 8.00 -5.95 -12.86
CA SER A 136 8.68 -5.54 -14.10
C SER A 136 9.57 -4.29 -14.00
N GLU A 137 9.33 -3.44 -12.97
CA GLU A 137 10.06 -2.19 -12.75
C GLU A 137 10.75 -2.10 -11.39
N ASN A 138 10.95 -3.26 -10.72
CA ASN A 138 11.65 -3.39 -9.44
C ASN A 138 13.14 -3.77 -9.73
N PRO A 139 14.10 -2.84 -9.49
CA PRO A 139 15.51 -3.16 -9.83
C PRO A 139 16.17 -4.31 -9.07
N LYS A 140 15.59 -4.77 -7.95
CA LYS A 140 16.08 -5.90 -7.14
C LYS A 140 15.94 -7.24 -7.88
N LEU A 141 14.91 -7.39 -8.72
CA LEU A 141 14.64 -8.60 -9.48
C LEU A 141 15.84 -8.97 -10.39
N PRO A 142 16.29 -8.14 -11.38
CA PRO A 142 17.48 -8.53 -12.15
C PRO A 142 18.75 -8.68 -11.29
N GLU A 143 18.83 -7.92 -10.17
CA GLU A 143 19.94 -7.92 -9.21
C GLU A 143 20.12 -9.32 -8.59
N LEU A 144 19.03 -9.83 -7.99
CA LEU A 144 19.01 -11.16 -7.37
C LEU A 144 19.18 -12.30 -8.38
N LEU A 145 18.58 -12.16 -9.59
CA LEU A 145 18.69 -13.14 -10.67
C LEU A 145 20.13 -13.26 -11.17
N LEU A 146 20.84 -12.12 -11.36
CA LEU A 146 22.23 -12.11 -11.81
C LEU A 146 23.15 -12.82 -10.81
N LYS A 147 22.94 -12.58 -9.50
CA LYS A 147 23.68 -13.21 -8.39
C LYS A 147 23.54 -14.73 -8.41
N ASN A 148 22.42 -15.24 -8.95
CA ASN A 148 22.13 -16.68 -9.06
C ASN A 148 22.36 -17.29 -10.45
N GLY A 149 23.03 -16.54 -11.34
CA GLY A 149 23.31 -16.97 -12.71
C GLY A 149 22.05 -17.13 -13.57
N ILE A 150 20.98 -16.38 -13.25
CA ILE A 150 19.70 -16.43 -13.97
C ILE A 150 19.51 -15.15 -14.76
N ALA A 151 19.26 -15.29 -16.07
CA ALA A 151 19.08 -14.14 -16.95
C ALA A 151 17.72 -13.45 -16.70
N PHE A 152 17.65 -12.18 -17.08
CA PHE A 152 16.44 -11.38 -16.96
C PHE A 152 16.20 -10.79 -18.34
N MET A 153 15.00 -11.04 -18.89
CA MET A 153 14.61 -10.53 -20.19
C MET A 153 14.08 -9.12 -19.98
N GLY A 154 15.02 -8.24 -19.66
CA GLY A 154 14.81 -6.85 -19.37
C GLY A 154 16.14 -6.19 -19.00
N PRO A 155 16.12 -4.88 -18.70
CA PRO A 155 17.39 -4.20 -18.39
C PRO A 155 18.11 -4.66 -17.11
N PRO A 156 19.46 -4.54 -17.03
CA PRO A 156 20.16 -4.88 -15.78
C PRO A 156 19.79 -3.92 -14.63
N SER A 157 20.04 -4.34 -13.39
CA SER A 157 19.73 -3.56 -12.19
C SER A 157 20.05 -2.05 -12.31
N GLN A 158 21.30 -1.71 -12.68
CA GLN A 158 21.81 -0.35 -12.80
C GLN A 158 21.04 0.54 -13.79
N ALA A 159 20.85 0.03 -15.02
CA ALA A 159 20.18 0.74 -16.07
C ALA A 159 18.68 0.95 -15.81
N MET A 160 18.05 0.03 -15.05
CA MET A 160 16.61 0.12 -14.74
C MET A 160 16.30 1.25 -13.74
N TRP A 161 17.23 1.55 -12.82
CA TRP A 161 16.98 2.61 -11.84
C TRP A 161 17.28 3.99 -12.44
N ALA A 162 18.46 4.14 -13.01
CA ALA A 162 18.91 5.41 -13.57
C ALA A 162 18.08 5.92 -14.75
N LEU A 163 17.26 5.02 -15.35
CA LEU A 163 16.39 5.39 -16.46
C LEU A 163 14.88 5.22 -16.16
N GLY A 164 14.56 4.32 -15.24
CA GLY A 164 13.21 4.06 -14.79
C GLY A 164 12.77 5.01 -13.70
N ASP A 165 13.69 5.39 -12.74
CA ASP A 165 13.34 6.38 -11.71
C ASP A 165 13.26 7.75 -12.38
N LYS A 166 12.12 8.41 -12.21
CA LYS A 166 11.78 9.68 -12.86
C LYS A 166 12.71 10.89 -12.61
N ILE A 167 13.10 11.12 -11.33
CA ILE A 167 14.06 12.14 -10.87
C ILE A 167 15.41 11.84 -11.51
N ALA A 168 15.92 10.60 -11.30
CA ALA A 168 17.21 10.13 -11.79
C ALA A 168 17.28 10.14 -13.30
N SER A 169 16.20 9.71 -13.98
CA SER A 169 16.18 9.66 -15.44
C SER A 169 16.22 11.05 -16.05
N SER A 170 15.53 12.02 -15.42
CA SER A 170 15.55 13.41 -15.88
C SER A 170 16.97 14.03 -15.75
N ILE A 171 17.72 13.65 -14.68
CA ILE A 171 19.10 14.10 -14.46
C ILE A 171 20.01 13.47 -15.51
N VAL A 172 19.80 12.17 -15.84
CA VAL A 172 20.58 11.50 -16.88
C VAL A 172 20.30 12.19 -18.21
N ALA A 173 19.00 12.46 -18.53
CA ALA A 173 18.60 13.15 -19.76
C ALA A 173 19.29 14.51 -19.92
N GLN A 174 19.34 15.29 -18.82
CA GLN A 174 19.96 16.61 -18.74
C GLN A 174 21.49 16.52 -18.98
N THR A 175 22.14 15.46 -18.43
CA THR A 175 23.57 15.14 -18.60
C THR A 175 23.87 14.88 -20.08
N ALA A 176 22.93 14.22 -20.78
CA ALA A 176 23.03 13.89 -22.21
C ALA A 176 22.75 15.08 -23.12
N GLY A 177 22.23 16.16 -22.56
CA GLY A 177 21.88 17.36 -23.31
C GLY A 177 20.50 17.29 -23.95
N ILE A 178 19.59 16.47 -23.37
CA ILE A 178 18.22 16.33 -23.88
C ILE A 178 17.36 17.36 -23.13
N PRO A 179 16.56 18.18 -23.84
CA PRO A 179 15.74 19.17 -23.14
C PRO A 179 14.68 18.55 -22.24
N THR A 180 14.38 19.23 -21.12
CA THR A 180 13.38 18.83 -20.14
C THR A 180 12.60 20.07 -19.73
N LEU A 181 11.35 19.88 -19.31
CA LEU A 181 10.50 20.95 -18.83
C LEU A 181 10.99 21.43 -17.44
N PRO A 182 10.71 22.71 -17.05
CA PRO A 182 11.14 23.21 -15.74
C PRO A 182 10.67 22.32 -14.61
N TRP A 183 11.58 21.89 -13.74
CA TRP A 183 11.23 21.02 -12.64
C TRP A 183 12.16 21.27 -11.46
N SER A 184 11.84 20.69 -10.29
CA SER A 184 12.63 20.80 -9.05
C SER A 184 14.13 20.42 -9.20
N GLY A 185 14.45 19.65 -10.24
CA GLY A 185 15.81 19.20 -10.52
C GLY A 185 16.40 19.74 -11.80
N SER A 186 15.81 20.85 -12.29
CA SER A 186 16.32 21.56 -13.46
C SER A 186 17.76 22.00 -13.12
N GLY A 187 18.65 21.95 -14.11
CA GLY A 187 20.04 22.32 -13.95
C GLY A 187 20.99 21.22 -13.52
N LEU A 188 20.45 20.13 -12.95
CA LEU A 188 21.29 19.03 -12.46
C LEU A 188 21.82 18.15 -13.57
N ARG A 189 23.13 17.83 -13.51
CA ARG A 189 23.89 16.98 -14.43
C ARG A 189 25.22 16.53 -13.83
N VAL A 190 26.11 15.86 -14.63
CA VAL A 190 27.41 15.35 -14.16
C VAL A 190 28.44 15.34 -15.30
N ILE A 201 29.89 4.19 -19.24
CA ILE A 201 28.66 4.00 -18.45
C ILE A 201 28.55 4.97 -17.26
N LEU A 202 27.34 5.53 -17.05
CA LEU A 202 26.99 6.57 -16.06
C LEU A 202 26.26 6.08 -14.79
N ASN A 203 26.29 6.91 -13.70
CA ASN A 203 25.64 6.72 -12.38
C ASN A 203 25.22 8.07 -11.75
N VAL A 204 24.02 8.16 -11.13
CA VAL A 204 23.63 9.43 -10.52
C VAL A 204 23.95 9.35 -9.03
N PRO A 205 24.91 10.16 -8.50
CA PRO A 205 25.21 10.09 -7.06
C PRO A 205 24.07 10.61 -6.19
N GLN A 206 23.86 9.96 -5.04
CA GLN A 206 22.79 10.26 -4.09
C GLN A 206 22.67 11.72 -3.64
N GLU A 207 23.79 12.46 -3.56
CA GLU A 207 23.82 13.87 -3.15
C GLU A 207 23.23 14.78 -4.24
N LEU A 208 23.57 14.52 -5.53
CA LEU A 208 23.05 15.23 -6.70
C LEU A 208 21.54 14.93 -6.85
N TYR A 209 21.19 13.63 -6.72
CA TYR A 209 19.85 13.08 -6.81
C TYR A 209 18.95 13.76 -5.78
N GLU A 210 19.46 13.93 -4.53
CA GLU A 210 18.77 14.59 -3.41
C GLU A 210 18.43 16.07 -3.61
N LYS A 211 19.01 16.74 -4.62
CA LYS A 211 18.64 18.13 -4.86
C LYS A 211 17.37 18.19 -5.70
N GLY A 212 17.22 17.19 -6.58
CA GLY A 212 16.11 17.04 -7.51
C GLY A 212 14.78 16.68 -6.89
N TYR A 213 14.81 16.05 -5.70
CA TYR A 213 13.60 15.62 -5.01
C TYR A 213 13.15 16.62 -3.95
N VAL A 214 11.93 16.46 -3.47
CA VAL A 214 11.38 17.31 -2.43
C VAL A 214 11.14 16.46 -1.18
N LYS A 215 12.16 16.47 -0.30
CA LYS A 215 12.27 15.72 0.96
C LYS A 215 11.06 15.80 1.86
N ASP A 216 10.28 16.89 1.74
CA ASP A 216 9.07 17.15 2.51
C ASP A 216 8.17 18.13 1.76
N VAL A 217 6.99 18.42 2.32
CA VAL A 217 5.99 19.33 1.75
C VAL A 217 6.54 20.79 1.60
N ASP A 218 7.29 21.27 2.62
CA ASP A 218 7.90 22.61 2.71
C ASP A 218 8.89 22.86 1.55
N ASP A 219 9.83 21.92 1.28
CA ASP A 219 10.77 22.00 0.15
C ASP A 219 10.04 21.94 -1.19
N GLY A 220 8.91 21.23 -1.21
CA GLY A 220 8.00 21.08 -2.35
C GLY A 220 7.30 22.38 -2.69
N LEU A 221 6.73 23.07 -1.66
CA LEU A 221 6.05 24.38 -1.77
C LEU A 221 6.96 25.42 -2.39
N GLN A 222 8.26 25.34 -2.03
CA GLN A 222 9.37 26.17 -2.49
C GLN A 222 9.69 25.88 -3.97
N ALA A 223 9.78 24.55 -4.31
CA ALA A 223 10.04 24.09 -5.68
C ALA A 223 8.92 24.55 -6.61
N ALA A 224 7.65 24.35 -6.20
CA ALA A 224 6.43 24.75 -6.92
C ALA A 224 6.39 26.26 -7.20
N GLU A 225 6.93 27.06 -6.27
CA GLU A 225 6.97 28.50 -6.39
C GLU A 225 8.03 28.91 -7.40
N GLU A 226 9.20 28.21 -7.37
CA GLU A 226 10.31 28.47 -8.29
C GLU A 226 9.92 28.17 -9.75
N VAL A 227 9.42 26.93 -10.02
CA VAL A 227 8.97 26.50 -11.36
C VAL A 227 7.76 27.33 -11.83
N GLY A 228 6.87 27.62 -10.88
CA GLY A 228 5.65 28.40 -11.10
C GLY A 228 4.44 27.53 -11.37
N TYR A 229 3.31 27.89 -10.73
CA TYR A 229 2.02 27.19 -10.90
C TYR A 229 1.44 27.35 -12.33
N PRO A 230 0.68 26.37 -12.87
CA PRO A 230 0.29 25.09 -12.27
C PRO A 230 1.40 24.05 -12.34
N VAL A 231 1.51 23.22 -11.30
CA VAL A 231 2.55 22.20 -11.20
C VAL A 231 1.98 20.78 -11.07
N MET A 232 2.89 19.80 -11.12
CA MET A 232 2.60 18.39 -10.95
C MET A 232 3.50 17.87 -9.83
N ILE A 233 2.90 17.28 -8.78
CA ILE A 233 3.64 16.59 -7.71
C ILE A 233 3.69 15.16 -8.22
N LYS A 234 4.91 14.60 -8.39
CA LYS A 234 5.02 13.26 -8.94
C LYS A 234 5.95 12.35 -8.17
N ALA A 235 5.45 11.16 -7.80
CA ALA A 235 6.24 10.11 -7.16
C ALA A 235 7.13 9.56 -8.27
N SER A 236 8.46 9.51 -8.04
CA SER A 236 9.45 9.05 -9.01
C SER A 236 9.45 7.55 -9.23
N GLU A 237 8.86 6.79 -8.28
CA GLU A 237 8.79 5.32 -8.37
C GLU A 237 7.39 4.87 -8.83
N GLY A 238 6.55 5.86 -9.17
CA GLY A 238 5.20 5.65 -9.65
C GLY A 238 5.14 5.07 -11.04
N GLY A 239 4.30 4.04 -11.19
CA GLY A 239 4.06 3.34 -12.43
C GLY A 239 2.59 3.32 -12.78
N GLY A 240 2.30 3.28 -14.08
CA GLY A 240 0.95 3.24 -14.64
C GLY A 240 0.03 4.35 -14.18
N GLY A 241 0.54 5.58 -14.21
CA GLY A 241 -0.18 6.79 -13.83
C GLY A 241 -0.46 6.97 -12.35
N LYS A 242 0.26 6.23 -11.48
CA LYS A 242 0.10 6.31 -10.02
C LYS A 242 1.08 7.28 -9.36
N GLY A 243 0.56 8.10 -8.45
CA GLY A 243 1.32 9.08 -7.67
C GLY A 243 1.59 10.39 -8.39
N ILE A 244 0.58 10.88 -9.11
CA ILE A 244 0.65 12.11 -9.89
C ILE A 244 -0.55 12.97 -9.51
N ARG A 245 -0.29 14.24 -9.15
CA ARG A 245 -1.36 15.17 -8.80
C ARG A 245 -1.12 16.50 -9.46
N LYS A 246 -2.19 17.07 -10.03
CA LYS A 246 -2.18 18.38 -10.68
C LYS A 246 -2.43 19.42 -9.58
N VAL A 247 -1.57 20.45 -9.50
CA VAL A 247 -1.65 21.49 -8.47
C VAL A 247 -1.74 22.88 -9.10
N ASN A 248 -2.82 23.63 -8.76
CA ASN A 248 -3.08 24.98 -9.27
C ASN A 248 -2.59 26.13 -8.37
N ASN A 249 -2.51 25.90 -7.03
CA ASN A 249 -2.08 26.91 -6.05
C ASN A 249 -1.47 26.30 -4.77
N ALA A 250 -0.66 27.10 -4.02
CA ALA A 250 0.04 26.70 -2.79
C ALA A 250 -0.82 26.18 -1.61
N ASP A 251 -2.11 26.59 -1.53
CA ASP A 251 -3.00 26.13 -0.45
C ASP A 251 -3.43 24.68 -0.69
N ASP A 252 -3.60 24.30 -1.98
CA ASP A 252 -4.00 22.95 -2.41
C ASP A 252 -2.82 21.97 -2.31
N PHE A 253 -1.59 22.47 -2.54
CA PHE A 253 -0.34 21.70 -2.52
C PHE A 253 -0.12 20.68 -1.37
N PRO A 254 -0.21 21.04 -0.06
CA PRO A 254 0.09 20.07 1.00
C PRO A 254 -0.71 18.78 1.05
N ASN A 255 -2.06 18.85 0.90
CA ASN A 255 -2.87 17.64 0.89
C ASN A 255 -2.60 16.82 -0.37
N LEU A 256 -2.39 17.49 -1.55
CA LEU A 256 -2.06 16.82 -2.82
C LEU A 256 -0.68 16.12 -2.70
N PHE A 257 0.27 16.74 -1.94
CA PHE A 257 1.60 16.18 -1.64
C PHE A 257 1.44 14.94 -0.75
N ARG A 258 0.54 15.03 0.25
CA ARG A 258 0.22 13.95 1.20
C ARG A 258 -0.43 12.76 0.50
N GLN A 259 -1.21 13.03 -0.56
CA GLN A 259 -1.89 12.02 -1.39
C GLN A 259 -0.86 11.22 -2.18
N VAL A 260 0.13 11.91 -2.82
CA VAL A 260 1.23 11.33 -3.62
C VAL A 260 2.10 10.41 -2.73
N GLN A 261 2.36 10.84 -1.47
CA GLN A 261 3.08 10.08 -0.45
C GLN A 261 2.31 8.78 -0.13
N ALA A 262 0.99 8.90 0.11
CA ALA A 262 0.09 7.79 0.42
C ALA A 262 -0.10 6.80 -0.76
N GLU A 263 -0.16 7.32 -2.01
CA GLU A 263 -0.33 6.50 -3.22
C GLU A 263 0.89 5.60 -3.52
N VAL A 264 2.10 6.18 -3.44
CA VAL A 264 3.36 5.47 -3.68
C VAL A 264 4.26 5.66 -2.43
N PRO A 265 3.98 4.94 -1.30
CA PRO A 265 4.78 5.14 -0.09
C PRO A 265 6.22 4.66 -0.20
N GLY A 266 7.14 5.45 0.35
CA GLY A 266 8.57 5.18 0.32
C GLY A 266 9.30 5.84 -0.84
N SER A 267 8.54 6.23 -1.88
CA SER A 267 9.08 6.86 -3.08
C SER A 267 9.44 8.33 -2.90
N PRO A 268 10.62 8.76 -3.41
CA PRO A 268 10.93 10.20 -3.42
C PRO A 268 9.92 10.97 -4.26
N ILE A 269 9.79 12.28 -4.01
CA ILE A 269 8.85 13.11 -4.73
C ILE A 269 9.53 14.32 -5.38
N PHE A 270 9.10 14.70 -6.60
CA PHE A 270 9.57 15.87 -7.33
C PHE A 270 8.38 16.73 -7.78
N VAL A 271 8.66 17.95 -8.25
CA VAL A 271 7.68 18.94 -8.71
C VAL A 271 8.13 19.37 -10.10
N MET A 272 7.19 19.45 -11.04
CA MET A 272 7.50 19.85 -12.42
C MET A 272 6.42 20.80 -12.94
N ARG A 273 6.78 21.65 -13.92
CA ARG A 273 5.82 22.56 -14.54
C ARG A 273 4.81 21.75 -15.35
N LEU A 274 3.49 22.00 -15.16
CA LEU A 274 2.40 21.35 -15.88
C LEU A 274 2.38 21.99 -17.24
N ALA A 275 2.79 21.21 -18.25
CA ALA A 275 2.92 21.67 -19.63
C ALA A 275 1.61 22.02 -20.34
N LYS A 276 1.74 22.74 -21.48
CA LYS A 276 0.63 23.14 -22.32
C LYS A 276 0.21 21.91 -23.11
N GLN A 277 -1.02 21.90 -23.66
CA GLN A 277 -1.54 20.82 -24.52
C GLN A 277 -0.50 20.60 -25.64
N SER A 278 -0.04 19.36 -25.75
CA SER A 278 1.04 18.94 -26.63
C SER A 278 0.72 17.57 -27.18
N ARG A 279 1.67 17.01 -27.91
CA ARG A 279 1.59 15.65 -28.43
C ARG A 279 2.48 14.82 -27.51
N HIS A 280 2.00 13.63 -27.11
CA HIS A 280 2.79 12.73 -26.27
C HIS A 280 3.32 11.67 -27.22
N LEU A 281 4.66 11.56 -27.36
CA LEU A 281 5.32 10.61 -28.27
C LEU A 281 6.26 9.68 -27.55
N GLU A 282 6.43 8.50 -28.10
CA GLU A 282 7.31 7.47 -27.53
C GLU A 282 8.27 6.98 -28.57
N VAL A 283 9.49 6.65 -28.15
CA VAL A 283 10.50 6.02 -29.01
C VAL A 283 10.70 4.59 -28.50
N GLN A 284 10.52 3.60 -29.37
CA GLN A 284 10.78 2.24 -28.94
C GLN A 284 12.29 1.95 -29.05
N ILE A 285 12.89 1.48 -27.96
CA ILE A 285 14.32 1.15 -27.89
C ILE A 285 14.52 -0.36 -27.76
N LEU A 286 15.63 -0.85 -28.31
CA LEU A 286 16.08 -2.24 -28.24
C LEU A 286 17.60 -2.25 -28.15
N ALA A 287 18.12 -2.80 -27.05
CA ALA A 287 19.57 -2.87 -26.84
C ALA A 287 20.04 -4.29 -26.49
N ASP A 288 21.21 -4.67 -27.00
CA ASP A 288 21.81 -5.96 -26.69
C ASP A 288 22.77 -5.83 -25.51
N GLN A 289 23.54 -6.88 -25.20
CA GLN A 289 24.50 -6.87 -24.09
C GLN A 289 25.89 -6.30 -24.49
N TYR A 290 26.00 -5.72 -25.69
CA TYR A 290 27.28 -5.25 -26.23
C TYR A 290 27.47 -3.76 -26.52
N GLY A 291 26.49 -2.93 -26.21
CA GLY A 291 26.55 -1.50 -26.47
C GLY A 291 25.74 -1.07 -27.68
N ASN A 292 25.20 -2.03 -28.45
CA ASN A 292 24.36 -1.73 -29.61
C ASN A 292 22.91 -1.51 -29.15
N ALA A 293 22.39 -0.32 -29.44
CA ALA A 293 21.05 0.11 -29.12
C ALA A 293 20.44 0.78 -30.34
N ILE A 294 19.20 0.42 -30.67
CA ILE A 294 18.51 1.02 -31.82
C ILE A 294 17.11 1.49 -31.44
N SER A 295 16.50 2.30 -32.31
CA SER A 295 15.11 2.70 -32.15
C SER A 295 14.31 1.86 -33.14
N LEU A 296 13.06 1.54 -32.78
CA LEU A 296 12.16 0.78 -33.66
C LEU A 296 11.01 1.70 -33.99
N PHE A 297 11.39 2.90 -34.46
CA PHE A 297 10.51 4.01 -34.81
C PHE A 297 9.80 4.49 -33.52
N GLY A 298 8.69 5.22 -33.67
CA GLY A 298 7.94 5.71 -32.53
C GLY A 298 6.48 5.35 -32.52
N ARG A 299 5.82 5.83 -31.49
CA ARG A 299 4.39 5.69 -31.28
C ARG A 299 3.84 7.02 -30.82
N ASP A 300 2.67 7.37 -31.35
CA ASP A 300 1.96 8.55 -30.90
C ASP A 300 0.90 8.07 -29.89
N CYS A 301 0.97 8.55 -28.64
CA CYS A 301 0.00 8.20 -27.61
C CYS A 301 -0.65 9.48 -27.01
N SER A 302 -0.96 10.48 -27.86
CA SER A 302 -1.58 11.75 -27.46
C SER A 302 -3.05 11.60 -27.05
N VAL A 303 -3.80 10.66 -27.67
CA VAL A 303 -5.23 10.44 -27.33
C VAL A 303 -5.34 9.79 -25.95
N GLN A 304 -5.61 10.63 -24.93
CA GLN A 304 -5.70 10.25 -23.53
C GLN A 304 -6.98 10.74 -22.86
N ARG A 305 -7.45 9.98 -21.88
CA ARG A 305 -8.63 10.32 -21.09
C ARG A 305 -8.24 10.08 -19.63
N ARG A 306 -8.14 11.18 -18.85
CA ARG A 306 -7.72 11.19 -17.44
C ARG A 306 -6.32 10.52 -17.28
N HIS A 307 -5.40 10.83 -18.24
CA HIS A 307 -4.02 10.35 -18.36
C HIS A 307 -3.87 8.88 -18.78
N GLN A 308 -4.96 8.23 -19.24
CA GLN A 308 -4.93 6.85 -19.72
C GLN A 308 -4.83 6.86 -21.25
N LYS A 309 -3.83 6.14 -21.80
CA LYS A 309 -3.59 6.06 -23.24
C LYS A 309 -4.77 5.33 -23.92
N ILE A 310 -5.50 6.04 -24.78
CA ILE A 310 -6.69 5.50 -25.45
C ILE A 310 -6.38 5.01 -26.86
N ILE A 311 -5.74 5.87 -27.67
CA ILE A 311 -5.37 5.52 -29.03
C ILE A 311 -3.88 5.64 -29.11
N GLU A 312 -3.25 4.67 -29.76
CA GLU A 312 -1.83 4.72 -30.05
C GLU A 312 -1.71 4.58 -31.53
N GLU A 313 -0.63 5.11 -32.12
CA GLU A 313 -0.38 4.97 -33.55
C GLU A 313 1.10 4.66 -33.77
N ALA A 314 1.41 3.84 -34.79
CA ALA A 314 2.77 3.60 -35.19
C ALA A 314 2.89 3.65 -36.72
N PRO A 315 3.81 4.44 -37.32
CA PRO A 315 4.80 5.35 -36.68
C PRO A 315 4.18 6.66 -36.16
N ALA A 316 4.98 7.53 -35.51
CA ALA A 316 4.57 8.83 -34.97
C ALA A 316 4.75 9.93 -36.06
N THR A 317 3.81 9.99 -37.01
CA THR A 317 3.82 10.90 -38.16
C THR A 317 3.73 12.42 -37.88
N ILE A 318 3.22 12.83 -36.71
CA ILE A 318 3.09 14.25 -36.33
C ILE A 318 4.41 15.06 -36.33
N ALA A 319 5.48 14.50 -35.77
CA ALA A 319 6.78 15.17 -35.71
C ALA A 319 7.42 15.28 -37.09
N THR A 320 8.23 16.34 -37.28
CA THR A 320 9.04 16.62 -38.48
C THR A 320 10.08 15.48 -38.54
N PRO A 321 10.31 14.85 -39.73
CA PRO A 321 11.28 13.74 -39.80
C PRO A 321 12.63 13.98 -39.11
N ALA A 322 13.17 15.21 -39.26
CA ALA A 322 14.44 15.63 -38.66
C ALA A 322 14.34 15.69 -37.13
N VAL A 323 13.23 16.24 -36.59
CA VAL A 323 12.99 16.36 -35.14
C VAL A 323 12.80 14.97 -34.54
N PHE A 324 12.04 14.09 -35.22
CA PHE A 324 11.84 12.73 -34.73
C PHE A 324 13.14 11.93 -34.74
N GLU A 325 13.99 12.14 -35.76
CA GLU A 325 15.29 11.49 -35.87
C GLU A 325 16.16 11.92 -34.67
N HIS A 326 16.12 13.22 -34.31
CA HIS A 326 16.81 13.76 -33.14
C HIS A 326 16.31 13.10 -31.85
N MET A 327 14.97 12.96 -31.71
CA MET A 327 14.31 12.33 -30.55
C MET A 327 14.75 10.87 -30.41
N GLU A 328 14.85 10.17 -31.55
CA GLU A 328 15.32 8.79 -31.64
C GLU A 328 16.79 8.65 -31.19
N GLN A 329 17.68 9.58 -31.61
CA GLN A 329 19.12 9.56 -31.31
C GLN A 329 19.37 9.86 -29.87
N CYS A 330 18.59 10.81 -29.31
CA CYS A 330 18.64 11.18 -27.90
C CYS A 330 18.28 9.94 -27.06
N ALA A 331 17.19 9.21 -27.46
CA ALA A 331 16.68 7.99 -26.85
C ALA A 331 17.74 6.90 -26.84
N VAL A 332 18.46 6.71 -27.96
CA VAL A 332 19.57 5.74 -28.11
C VAL A 332 20.78 6.15 -27.25
N LYS A 333 21.13 7.46 -27.22
CA LYS A 333 22.25 7.98 -26.43
C LYS A 333 22.03 7.71 -24.96
N LEU A 334 20.85 8.11 -24.48
CA LEU A 334 20.34 7.95 -23.11
C LEU A 334 20.38 6.48 -22.65
N ALA A 335 19.98 5.55 -23.56
CA ALA A 335 20.01 4.11 -23.31
C ALA A 335 21.46 3.60 -23.21
N LYS A 336 22.31 4.02 -24.17
CA LYS A 336 23.74 3.65 -24.22
C LYS A 336 24.50 4.12 -23.01
N MET A 337 24.22 5.36 -22.55
CA MET A 337 24.84 6.01 -21.39
C MET A 337 24.75 5.24 -20.09
N VAL A 338 23.60 4.58 -19.85
CA VAL A 338 23.42 3.87 -18.58
C VAL A 338 23.69 2.35 -18.72
N GLY A 339 23.99 1.90 -19.95
CA GLY A 339 24.22 0.50 -20.25
C GLY A 339 22.91 -0.27 -20.29
N TYR A 340 21.88 0.28 -20.94
CA TYR A 340 20.56 -0.34 -21.05
C TYR A 340 20.63 -1.62 -21.89
N VAL A 341 19.84 -2.63 -21.48
CA VAL A 341 19.72 -3.89 -22.23
C VAL A 341 18.21 -4.18 -22.37
N SER A 342 17.80 -4.84 -23.46
CA SER A 342 16.44 -5.27 -23.78
C SER A 342 15.59 -4.17 -24.36
N ALA A 343 14.27 -4.26 -24.18
CA ALA A 343 13.30 -3.29 -24.66
C ALA A 343 13.06 -2.18 -23.63
N GLY A 344 12.85 -0.98 -24.14
CA GLY A 344 12.51 0.20 -23.35
C GLY A 344 11.77 1.21 -24.19
N THR A 345 11.12 2.15 -23.53
CA THR A 345 10.34 3.20 -24.19
C THR A 345 10.79 4.53 -23.67
N VAL A 346 11.21 5.43 -24.58
CA VAL A 346 11.56 6.79 -24.22
C VAL A 346 10.38 7.67 -24.58
N GLU A 347 9.76 8.29 -23.56
CA GLU A 347 8.60 9.16 -23.71
C GLU A 347 8.96 10.63 -23.73
N TYR A 348 8.41 11.35 -24.71
CA TYR A 348 8.63 12.78 -24.91
C TYR A 348 7.35 13.56 -25.04
N LEU A 349 7.41 14.84 -24.67
CA LEU A 349 6.32 15.77 -24.90
C LEU A 349 6.80 16.60 -26.09
N TYR A 350 5.99 16.63 -27.17
CA TYR A 350 6.32 17.30 -28.43
C TYR A 350 5.33 18.46 -28.71
N SER A 351 5.87 19.63 -29.15
CA SER A 351 5.07 20.83 -29.52
C SER A 351 5.15 21.08 -31.01
N GLN A 352 4.13 21.77 -31.57
CA GLN A 352 3.99 22.15 -33.00
C GLN A 352 5.21 23.00 -33.45
N ASP A 353 5.81 23.78 -32.48
CA ASP A 353 7.02 24.63 -32.57
C ASP A 353 8.14 23.82 -33.20
N GLY A 354 8.17 22.54 -32.82
CA GLY A 354 9.18 21.56 -33.19
C GLY A 354 10.03 21.22 -31.98
N SER A 355 9.60 21.69 -30.79
CA SER A 355 10.32 21.42 -29.56
C SER A 355 9.82 20.15 -28.90
N PHE A 356 10.77 19.42 -28.28
CA PHE A 356 10.45 18.18 -27.59
C PHE A 356 11.09 18.20 -26.22
N TYR A 357 10.52 17.48 -25.28
CA TYR A 357 11.05 17.40 -23.93
C TYR A 357 10.96 15.99 -23.47
N PHE A 358 12.06 15.49 -22.86
CA PHE A 358 12.12 14.18 -22.25
C PHE A 358 11.16 14.19 -21.08
N LEU A 359 10.37 13.15 -20.97
CA LEU A 359 9.41 13.01 -19.89
C LEU A 359 9.85 11.87 -19.00
N GLU A 360 10.01 10.67 -19.60
CA GLU A 360 10.41 9.47 -18.89
C GLU A 360 10.87 8.34 -19.82
N LEU A 361 11.43 7.31 -19.19
CA LEU A 361 11.85 6.09 -19.81
C LEU A 361 11.09 4.98 -19.10
N ASN A 362 10.38 4.18 -19.89
CA ASN A 362 9.66 3.00 -19.39
C ASN A 362 10.61 1.80 -19.52
N PRO A 363 11.09 1.21 -18.38
CA PRO A 363 12.14 0.17 -18.49
C PRO A 363 11.62 -1.24 -18.76
N ARG A 364 10.64 -1.34 -19.65
CA ARG A 364 9.95 -2.57 -19.94
C ARG A 364 9.15 -2.45 -21.22
N LEU A 365 8.59 -3.58 -21.62
CA LEU A 365 7.67 -3.68 -22.74
C LEU A 365 6.34 -3.04 -22.31
N GLN A 366 5.61 -2.43 -23.23
CA GLN A 366 4.29 -1.90 -22.90
C GLN A 366 3.21 -2.79 -23.52
N VAL A 367 1.96 -2.69 -23.05
CA VAL A 367 0.85 -3.48 -23.61
C VAL A 367 0.58 -3.19 -25.13
N GLU A 368 0.89 -1.95 -25.56
CA GLU A 368 0.68 -1.45 -26.92
C GLU A 368 1.86 -1.71 -27.83
N HIS A 369 2.91 -2.45 -27.34
CA HIS A 369 4.08 -2.86 -28.14
C HIS A 369 3.73 -3.53 -29.48
N PRO A 370 2.63 -4.34 -29.67
CA PRO A 370 2.34 -4.85 -31.04
C PRO A 370 2.23 -3.78 -32.14
N CYS A 371 1.90 -2.49 -31.81
CA CYS A 371 1.87 -1.38 -32.79
C CYS A 371 3.18 -1.33 -33.52
N THR A 372 4.27 -1.34 -32.75
CA THR A 372 5.66 -1.34 -33.21
C THR A 372 6.02 -2.64 -33.94
N GLU A 373 5.63 -3.81 -33.37
CA GLU A 373 5.93 -5.13 -33.93
C GLU A 373 5.49 -5.23 -35.39
N MET A 374 4.30 -4.70 -35.68
CA MET A 374 3.61 -4.68 -36.98
C MET A 374 4.21 -3.77 -38.05
N VAL A 375 4.76 -2.61 -37.67
CA VAL A 375 5.37 -1.68 -38.62
C VAL A 375 6.85 -1.92 -38.81
N ALA A 376 7.52 -2.44 -37.76
CA ALA A 376 8.94 -2.72 -37.78
C ALA A 376 9.23 -4.15 -38.18
N ASP A 377 8.22 -5.04 -38.14
CA ASP A 377 8.36 -6.48 -38.41
C ASP A 377 9.43 -7.09 -37.50
N VAL A 378 9.35 -6.75 -36.19
CA VAL A 378 10.23 -7.22 -35.12
C VAL A 378 9.35 -7.89 -34.09
N ASN A 379 9.63 -9.17 -33.79
CA ASN A 379 8.92 -9.88 -32.74
C ASN A 379 9.64 -9.47 -31.45
N LEU A 380 9.04 -8.58 -30.65
CA LEU A 380 9.64 -8.06 -29.43
C LEU A 380 9.96 -9.08 -28.33
N PRO A 381 9.02 -9.94 -27.83
CA PRO A 381 9.42 -10.94 -26.83
C PRO A 381 10.53 -11.91 -27.29
N ALA A 382 10.58 -12.24 -28.61
CA ALA A 382 11.63 -13.13 -29.14
C ALA A 382 12.97 -12.44 -29.13
N ALA A 383 12.99 -11.14 -29.46
CA ALA A 383 14.20 -10.32 -29.41
C ALA A 383 14.70 -10.24 -27.96
N GLN A 384 13.79 -10.08 -26.97
CA GLN A 384 14.17 -10.04 -25.55
C GLN A 384 14.83 -11.34 -25.12
N LEU A 385 14.29 -12.48 -25.60
CA LEU A 385 14.83 -13.81 -25.35
C LEU A 385 16.23 -13.95 -25.95
N GLN A 386 16.39 -13.58 -27.23
CA GLN A 386 17.66 -13.69 -27.92
C GLN A 386 18.75 -12.85 -27.31
N ILE A 387 18.40 -11.63 -26.91
CA ILE A 387 19.31 -10.70 -26.23
C ILE A 387 19.81 -11.30 -24.90
N ALA A 388 18.90 -11.97 -24.15
CA ALA A 388 19.22 -12.59 -22.86
C ALA A 388 20.15 -13.81 -23.00
N MET A 389 20.18 -14.41 -24.22
CA MET A 389 21.06 -15.52 -24.60
C MET A 389 22.41 -14.98 -25.08
N GLY A 390 22.59 -13.66 -24.99
CA GLY A 390 23.78 -12.96 -25.44
C GLY A 390 23.90 -12.82 -26.93
N ILE A 391 22.77 -12.90 -27.68
CA ILE A 391 22.79 -12.76 -29.14
C ILE A 391 22.92 -11.28 -29.49
N PRO A 392 23.97 -10.87 -30.27
CA PRO A 392 24.07 -9.45 -30.64
C PRO A 392 22.93 -9.05 -31.58
N LEU A 393 22.52 -7.74 -31.54
CA LEU A 393 21.43 -7.21 -32.38
C LEU A 393 21.61 -7.56 -33.85
N TYR A 394 22.86 -7.46 -34.38
CA TYR A 394 23.17 -7.78 -35.78
C TYR A 394 23.02 -9.27 -36.15
N ARG A 395 22.83 -10.15 -35.15
CA ARG A 395 22.63 -11.59 -35.39
C ARG A 395 21.16 -12.01 -35.25
N ILE A 396 20.27 -11.02 -35.12
CA ILE A 396 18.81 -11.25 -35.04
C ILE A 396 18.25 -10.98 -36.43
N LYS A 397 17.64 -12.01 -37.03
CA LYS A 397 17.07 -11.97 -38.38
C LYS A 397 16.22 -10.71 -38.60
N ASP A 398 15.23 -10.46 -37.70
CA ASP A 398 14.32 -9.30 -37.73
C ASP A 398 15.04 -7.97 -37.87
N ILE A 399 16.12 -7.79 -37.11
CA ILE A 399 16.93 -6.56 -37.14
C ILE A 399 17.74 -6.47 -38.45
N ARG A 400 18.25 -7.62 -38.94
CA ARG A 400 19.03 -7.69 -40.18
C ARG A 400 18.19 -7.19 -41.33
N MET A 401 16.95 -7.72 -41.44
CA MET A 401 15.99 -7.36 -42.47
C MET A 401 15.65 -5.87 -42.41
N MET A 402 15.43 -5.36 -41.20
CA MET A 402 15.07 -3.97 -40.92
C MET A 402 16.12 -3.02 -41.55
N TYR A 403 17.41 -3.37 -41.41
CA TYR A 403 18.55 -2.62 -41.93
C TYR A 403 19.00 -3.03 -43.37
N GLY A 404 18.11 -3.74 -44.07
CA GLY A 404 18.24 -4.15 -45.46
C GLY A 404 19.40 -5.04 -45.85
N VAL A 405 19.92 -5.86 -44.91
CA VAL A 405 21.01 -6.80 -45.18
C VAL A 405 20.48 -8.26 -45.28
N SER A 406 21.40 -9.25 -45.49
CA SER A 406 21.05 -10.67 -45.61
C SER A 406 20.34 -11.20 -44.36
N PRO A 407 19.21 -11.93 -44.51
CA PRO A 407 18.49 -12.45 -43.32
C PRO A 407 19.27 -13.43 -42.42
N TRP A 408 20.23 -14.19 -42.98
CA TRP A 408 21.00 -15.19 -42.23
C TRP A 408 22.51 -14.98 -42.15
N GLY A 409 22.98 -13.83 -42.61
CA GLY A 409 24.39 -13.48 -42.58
C GLY A 409 24.86 -13.11 -41.20
N ASP A 410 26.19 -13.06 -40.99
CA ASP A 410 26.86 -12.75 -39.73
C ASP A 410 27.61 -11.42 -39.78
N SER A 411 27.42 -10.67 -40.88
CA SER A 411 28.06 -9.37 -41.14
C SER A 411 27.63 -8.30 -40.11
N PRO A 412 28.58 -7.64 -39.41
CA PRO A 412 28.19 -6.60 -38.44
C PRO A 412 27.54 -5.40 -39.12
N ILE A 413 26.52 -4.81 -38.47
CA ILE A 413 25.76 -3.65 -38.98
C ILE A 413 26.14 -2.40 -38.20
N ASP A 414 26.51 -1.34 -38.92
CA ASP A 414 26.76 -0.04 -38.30
C ASP A 414 25.37 0.59 -38.30
N PHE A 415 24.72 0.56 -37.14
CA PHE A 415 23.34 1.06 -36.98
C PHE A 415 23.22 2.56 -37.17
N GLU A 416 24.32 3.30 -36.88
CA GLU A 416 24.42 4.76 -37.05
C GLU A 416 24.48 5.08 -38.56
N ASP A 417 25.36 4.38 -39.30
CA ASP A 417 25.56 4.55 -40.75
C ASP A 417 24.36 4.13 -41.61
N SER A 418 23.49 3.25 -41.07
CA SER A 418 22.31 2.77 -41.77
C SER A 418 21.01 3.28 -41.12
N ALA A 419 21.04 4.51 -40.53
CA ALA A 419 19.90 5.17 -39.86
C ALA A 419 18.70 5.48 -40.78
N HIS A 420 18.97 5.87 -42.05
CA HIS A 420 17.95 6.19 -43.04
C HIS A 420 17.37 4.95 -43.70
N VAL A 421 18.09 3.81 -43.59
CA VAL A 421 17.72 2.52 -44.17
C VAL A 421 16.36 1.97 -43.66
N PRO A 422 16.09 1.85 -42.31
CA PRO A 422 14.78 1.32 -41.91
C PRO A 422 13.65 2.33 -42.13
N CYS A 423 12.55 1.81 -42.65
CA CYS A 423 11.36 2.58 -42.92
C CYS A 423 10.16 1.74 -42.48
N PRO A 424 9.16 2.37 -41.81
CA PRO A 424 8.00 1.59 -41.31
C PRO A 424 7.18 0.96 -42.42
N ARG A 425 6.63 -0.23 -42.16
CA ARG A 425 5.80 -0.94 -43.13
C ARG A 425 4.35 -0.66 -42.77
N GLY A 426 3.77 0.29 -43.48
CA GLY A 426 2.40 0.71 -43.28
C GLY A 426 2.17 1.49 -41.99
N HIS A 427 0.93 1.43 -41.50
CA HIS A 427 0.52 2.14 -40.31
C HIS A 427 -0.32 1.26 -39.47
N VAL A 428 -0.30 1.50 -38.12
CA VAL A 428 -1.09 0.79 -37.11
C VAL A 428 -1.78 1.78 -36.17
N ILE A 429 -3.05 1.48 -35.83
CA ILE A 429 -3.88 2.19 -34.87
C ILE A 429 -4.22 1.15 -33.79
N ALA A 430 -3.98 1.48 -32.50
CA ALA A 430 -4.36 0.63 -31.36
C ALA A 430 -5.45 1.36 -30.61
N ALA A 431 -6.47 0.65 -30.16
CA ALA A 431 -7.57 1.29 -29.46
C ALA A 431 -7.88 0.55 -28.19
N ARG A 432 -7.88 1.25 -27.06
CA ARG A 432 -8.22 0.66 -25.77
C ARG A 432 -9.74 0.51 -25.68
N ILE A 433 -10.20 -0.72 -25.36
CA ILE A 433 -11.63 -1.04 -25.26
C ILE A 433 -12.01 -1.39 -23.81
N THR A 434 -13.23 -1.01 -23.37
CA THR A 434 -13.69 -1.28 -22.00
C THR A 434 -15.03 -2.03 -21.93
N GLY A 447 -12.36 -17.88 -17.63
CA GLY A 447 -11.06 -17.40 -18.10
C GLY A 447 -10.69 -16.02 -17.60
N THR A 448 -9.60 -15.46 -18.15
CA THR A 448 -9.10 -14.10 -17.82
C THR A 448 -8.74 -13.31 -19.09
N VAL A 449 -8.51 -14.01 -20.21
CA VAL A 449 -8.12 -13.41 -21.49
C VAL A 449 -8.88 -14.03 -22.64
N GLN A 450 -9.68 -13.21 -23.35
CA GLN A 450 -10.44 -13.65 -24.53
C GLN A 450 -9.85 -13.03 -25.80
N GLU A 451 -9.23 -13.85 -26.65
CA GLU A 451 -8.66 -13.42 -27.92
C GLU A 451 -9.80 -13.15 -28.91
N LEU A 452 -9.96 -11.88 -29.35
CA LEU A 452 -11.03 -11.49 -30.27
C LEU A 452 -10.62 -11.37 -31.73
N ASN A 453 -11.04 -12.38 -32.52
CA ASN A 453 -10.77 -12.50 -33.95
C ASN A 453 -11.88 -11.81 -34.74
N PHE A 454 -11.50 -11.08 -35.82
CA PHE A 454 -12.42 -10.35 -36.69
C PHE A 454 -12.55 -10.96 -38.09
N ARG A 455 -13.79 -11.13 -38.55
CA ARG A 455 -14.14 -11.65 -39.88
C ARG A 455 -14.18 -10.48 -40.88
N SER A 456 -14.34 -9.23 -40.37
CA SER A 456 -14.40 -8.00 -41.17
C SER A 456 -13.05 -7.62 -41.77
N ASN A 457 -11.95 -7.98 -41.08
CA ASN A 457 -10.59 -7.64 -41.52
C ASN A 457 -9.48 -8.62 -41.11
N LYS A 458 -8.61 -8.92 -42.08
CA LYS A 458 -7.42 -9.76 -41.90
C LYS A 458 -6.30 -8.95 -41.21
N ASN A 459 -6.32 -7.61 -41.37
CA ASN A 459 -5.35 -6.63 -40.82
C ASN A 459 -5.71 -6.12 -39.40
N VAL A 460 -6.76 -6.68 -38.77
CA VAL A 460 -7.19 -6.30 -37.43
C VAL A 460 -7.27 -7.51 -36.50
N TRP A 461 -6.77 -7.35 -35.27
CA TRP A 461 -6.84 -8.37 -34.22
C TRP A 461 -6.93 -7.69 -32.88
N GLY A 462 -7.28 -8.45 -31.85
CA GLY A 462 -7.41 -7.93 -30.51
C GLY A 462 -7.58 -8.95 -29.42
N TYR A 463 -7.80 -8.45 -28.20
CA TYR A 463 -7.99 -9.25 -26.99
C TYR A 463 -8.86 -8.46 -26.03
N PHE A 464 -9.52 -9.15 -25.11
CA PHE A 464 -10.29 -8.57 -24.02
C PHE A 464 -9.87 -9.32 -22.76
N SER A 465 -9.54 -8.58 -21.69
CA SER A 465 -9.08 -9.10 -20.40
C SER A 465 -10.04 -8.77 -19.29
N VAL A 466 -9.98 -9.56 -18.17
CA VAL A 466 -10.80 -9.43 -16.96
C VAL A 466 -9.90 -9.24 -15.70
N GLN A 479 -12.93 -5.69 -17.48
CA GLN A 479 -11.90 -4.67 -17.21
C GLN A 479 -11.59 -3.84 -18.46
N PHE A 480 -10.67 -4.32 -19.33
CA PHE A 480 -10.23 -3.65 -20.56
C PHE A 480 -9.49 -4.58 -21.52
N GLY A 481 -9.33 -4.12 -22.76
CA GLY A 481 -8.63 -4.83 -23.83
C GLY A 481 -8.09 -3.90 -24.88
N HIS A 482 -7.52 -4.44 -25.97
CA HIS A 482 -6.96 -3.66 -27.06
C HIS A 482 -7.24 -4.28 -28.41
N CYS A 483 -7.51 -3.43 -29.43
CA CYS A 483 -7.65 -3.81 -30.83
C CYS A 483 -6.51 -3.17 -31.58
N PHE A 484 -5.96 -3.89 -32.55
CA PHE A 484 -4.83 -3.42 -33.33
C PHE A 484 -5.18 -3.52 -34.79
N SER A 485 -5.06 -2.39 -35.50
CA SER A 485 -5.42 -2.30 -36.91
C SER A 485 -4.29 -1.82 -37.78
N TRP A 486 -3.82 -2.69 -38.67
CA TRP A 486 -2.77 -2.33 -39.63
C TRP A 486 -3.44 -1.89 -40.94
N GLY A 487 -2.74 -1.02 -41.67
CA GLY A 487 -3.14 -0.49 -42.96
C GLY A 487 -1.91 -0.08 -43.75
N GLU A 488 -2.04 0.10 -45.08
CA GLU A 488 -0.92 0.52 -45.93
C GLU A 488 -0.48 1.92 -45.55
N ASN A 489 -1.45 2.69 -45.03
CA ASN A 489 -1.26 4.07 -44.56
C ASN A 489 -2.28 4.37 -43.49
N ARG A 490 -2.11 5.51 -42.78
CA ARG A 490 -2.97 5.99 -41.69
C ARG A 490 -4.47 5.87 -41.97
N GLU A 491 -4.92 6.45 -43.13
CA GLU A 491 -6.33 6.46 -43.56
C GLU A 491 -6.86 5.02 -43.68
N GLU A 492 -6.08 4.17 -44.36
CA GLU A 492 -6.37 2.75 -44.55
C GLU A 492 -6.45 2.01 -43.17
N ALA A 493 -5.59 2.39 -42.19
CA ALA A 493 -5.59 1.79 -40.85
C ALA A 493 -6.77 2.23 -39.96
N ILE A 494 -7.15 3.53 -40.00
CA ILE A 494 -8.32 4.07 -39.29
C ILE A 494 -9.63 3.38 -39.82
N SER A 495 -9.74 3.27 -41.17
CA SER A 495 -10.88 2.63 -41.86
C SER A 495 -11.12 1.19 -41.39
N ASN A 496 -10.05 0.38 -41.34
CA ASN A 496 -10.11 -1.02 -40.88
C ASN A 496 -10.52 -1.12 -39.42
N MET A 497 -10.05 -0.18 -38.57
CA MET A 497 -10.38 -0.12 -37.14
C MET A 497 -11.88 0.13 -36.94
N VAL A 498 -12.45 1.13 -37.69
CA VAL A 498 -13.88 1.51 -37.66
C VAL A 498 -14.77 0.29 -37.96
N VAL A 499 -14.50 -0.38 -39.10
CA VAL A 499 -15.24 -1.57 -39.53
C VAL A 499 -15.14 -2.72 -38.51
N ALA A 500 -13.93 -2.94 -37.95
CA ALA A 500 -13.69 -3.95 -36.92
C ALA A 500 -14.45 -3.61 -35.65
N LEU A 501 -14.45 -2.31 -35.23
CA LEU A 501 -15.17 -1.85 -34.05
C LEU A 501 -16.69 -1.93 -34.27
N LYS A 502 -17.15 -1.71 -35.54
CA LYS A 502 -18.55 -1.82 -35.95
C LYS A 502 -19.01 -3.29 -35.88
N GLU A 503 -18.11 -4.25 -36.25
CA GLU A 503 -18.39 -5.70 -36.16
C GLU A 503 -18.45 -6.08 -34.67
N LEU A 504 -17.51 -5.55 -33.88
CA LEU A 504 -17.43 -5.74 -32.42
C LEU A 504 -18.66 -5.16 -31.73
N SER A 505 -19.27 -4.10 -32.33
CA SER A 505 -20.46 -3.40 -31.83
C SER A 505 -21.69 -4.33 -31.77
N ILE A 506 -21.74 -5.37 -32.66
CA ILE A 506 -22.82 -6.37 -32.73
C ILE A 506 -22.90 -7.23 -31.44
N ARG A 507 -21.81 -7.25 -30.64
CA ARG A 507 -21.81 -7.93 -29.36
C ARG A 507 -22.58 -7.06 -28.35
N GLY A 508 -23.06 -7.69 -27.29
CA GLY A 508 -23.83 -7.02 -26.24
C GLY A 508 -22.98 -6.14 -25.35
N ASP A 509 -21.95 -6.73 -24.71
CA ASP A 509 -21.02 -6.05 -23.80
C ASP A 509 -20.18 -4.92 -24.46
N PHE A 510 -20.00 -4.99 -25.79
CA PHE A 510 -19.26 -4.02 -26.60
C PHE A 510 -20.20 -3.17 -27.50
N ARG A 511 -21.25 -2.56 -26.92
CA ARG A 511 -22.20 -1.72 -27.66
C ARG A 511 -21.90 -0.23 -27.41
N THR A 512 -22.00 0.24 -26.14
CA THR A 512 -21.77 1.63 -25.72
C THR A 512 -20.31 2.05 -25.86
N THR A 513 -19.40 1.21 -25.33
CA THR A 513 -17.95 1.41 -25.27
C THR A 513 -17.28 1.69 -26.63
N VAL A 514 -17.65 0.90 -27.67
CA VAL A 514 -17.11 1.01 -29.04
C VAL A 514 -17.68 2.20 -29.83
N GLU A 515 -18.79 2.81 -29.38
CA GLU A 515 -19.43 3.92 -30.06
C GLU A 515 -18.61 5.21 -29.99
N TYR A 516 -18.17 5.61 -28.76
CA TYR A 516 -17.34 6.80 -28.51
C TYR A 516 -16.01 6.73 -29.26
N LEU A 517 -15.46 5.51 -29.47
CA LEU A 517 -14.23 5.25 -30.21
C LEU A 517 -14.42 5.46 -31.69
N ILE A 518 -15.51 4.91 -32.24
CA ILE A 518 -15.92 5.06 -33.63
C ILE A 518 -16.14 6.57 -33.92
N LYS A 519 -16.82 7.27 -32.98
CA LYS A 519 -17.08 8.71 -33.01
C LYS A 519 -15.76 9.49 -33.07
N LEU A 520 -14.83 9.26 -32.10
CA LEU A 520 -13.50 9.91 -32.06
C LEU A 520 -12.67 9.63 -33.32
N LEU A 521 -12.68 8.38 -33.82
CA LEU A 521 -11.92 8.02 -35.02
C LEU A 521 -12.40 8.71 -36.29
N GLU A 522 -13.71 8.99 -36.38
CA GLU A 522 -14.33 9.64 -37.53
C GLU A 522 -14.28 11.18 -37.50
N THR A 523 -14.04 11.79 -36.31
CA THR A 523 -13.94 13.26 -36.15
C THR A 523 -12.89 13.80 -37.09
N GLU A 524 -13.16 14.97 -37.70
CA GLU A 524 -12.27 15.64 -38.65
C GLU A 524 -10.90 15.91 -38.00
N SER A 525 -10.90 16.32 -36.70
CA SER A 525 -9.68 16.60 -35.94
C SER A 525 -8.76 15.37 -35.92
N PHE A 526 -9.33 14.17 -35.62
CA PHE A 526 -8.56 12.93 -35.62
C PHE A 526 -8.11 12.54 -37.02
N GLN A 527 -9.04 12.58 -38.01
CA GLN A 527 -8.76 12.28 -39.43
C GLN A 527 -7.62 13.14 -39.94
N MET A 528 -7.62 14.43 -39.56
CA MET A 528 -6.59 15.41 -39.95
C MET A 528 -5.36 15.41 -39.03
N ASN A 529 -5.33 14.52 -37.99
CA ASN A 529 -4.25 14.37 -37.01
C ASN A 529 -3.96 15.72 -36.29
N ARG A 530 -5.03 16.41 -35.90
CA ARG A 530 -5.04 17.72 -35.25
C ARG A 530 -5.63 17.54 -33.83
N ILE A 531 -4.96 16.70 -33.07
CA ILE A 531 -5.32 16.34 -31.71
C ILE A 531 -4.15 16.68 -30.79
N ASP A 532 -4.35 16.58 -29.46
CA ASP A 532 -3.34 16.83 -28.44
C ASP A 532 -3.73 16.04 -27.17
N THR A 533 -2.92 16.13 -26.11
CA THR A 533 -3.12 15.46 -24.83
C THR A 533 -4.44 15.83 -24.09
N GLY A 534 -4.96 17.03 -24.33
CA GLY A 534 -6.20 17.49 -23.71
C GLY A 534 -7.46 17.33 -24.54
N TRP A 535 -7.29 16.92 -25.80
CA TRP A 535 -8.34 16.71 -26.80
C TRP A 535 -9.57 15.94 -26.27
N LEU A 536 -9.46 14.62 -25.98
CA LEU A 536 -10.56 13.80 -25.46
C LEU A 536 -11.25 14.37 -24.22
N ASP A 537 -10.45 14.86 -23.24
CA ASP A 537 -10.94 15.43 -21.98
C ASP A 537 -11.84 16.68 -22.14
N ARG A 538 -11.74 17.40 -23.28
CA ARG A 538 -12.59 18.58 -23.52
CA ARG A 538 -12.59 18.57 -23.51
C ARG A 538 -13.75 18.26 -24.48
N LEU A 539 -13.67 17.07 -25.15
CA LEU A 539 -14.65 16.54 -26.10
C LEU A 539 -15.94 16.10 -25.42
N ILE A 540 -15.88 15.86 -24.08
CA ILE A 540 -16.99 15.40 -23.23
C ILE A 540 -17.48 16.49 -22.28
N VAL B 25 -32.63 13.34 33.20
CA VAL B 25 -32.53 14.43 32.23
C VAL B 25 -33.50 14.25 31.06
N ALA B 26 -33.97 15.37 30.47
CA ALA B 26 -34.94 15.32 29.38
C ALA B 26 -34.30 15.14 28.02
N SER B 27 -33.07 15.63 27.86
CA SER B 27 -32.41 15.59 26.55
C SER B 27 -30.89 15.63 26.69
N PRO B 28 -30.12 15.28 25.60
CA PRO B 28 -28.66 15.44 25.65
C PRO B 28 -28.25 16.86 26.06
N ALA B 29 -28.99 17.89 25.61
CA ALA B 29 -28.70 19.30 25.98
C ALA B 29 -28.82 19.55 27.48
N GLU B 30 -29.87 18.99 28.11
CA GLU B 30 -30.09 19.12 29.55
C GLU B 30 -29.04 18.34 30.34
N PHE B 31 -28.64 17.15 29.82
CA PHE B 31 -27.60 16.30 30.41
C PHE B 31 -26.30 17.10 30.52
N VAL B 32 -25.91 17.80 29.43
CA VAL B 32 -24.71 18.63 29.33
C VAL B 32 -24.71 19.73 30.42
N THR B 33 -25.87 20.41 30.61
CA THR B 33 -26.03 21.45 31.63
C THR B 33 -25.95 20.87 33.04
N ARG B 34 -26.76 19.84 33.33
CA ARG B 34 -26.84 19.17 34.64
C ARG B 34 -25.49 18.58 35.05
N PHE B 35 -24.76 17.96 34.12
CA PHE B 35 -23.48 17.31 34.42
C PHE B 35 -22.20 18.11 34.16
N GLY B 36 -22.36 19.41 33.91
CA GLY B 36 -21.24 20.34 33.77
C GLY B 36 -20.40 20.29 32.51
N GLY B 37 -21.03 19.94 31.40
CA GLY B 37 -20.38 19.90 30.10
C GLY B 37 -20.50 21.21 29.35
N ASN B 38 -19.93 21.26 28.15
CA ASN B 38 -19.96 22.51 27.37
C ASN B 38 -20.30 22.34 25.90
N LYS B 39 -20.55 21.12 25.44
CA LYS B 39 -20.85 20.84 24.03
C LYS B 39 -21.99 19.83 23.94
N VAL B 40 -23.11 20.20 23.27
CA VAL B 40 -24.27 19.31 23.06
C VAL B 40 -24.01 18.36 21.87
N ILE B 41 -24.00 17.04 22.14
CA ILE B 41 -23.84 16.03 21.09
C ILE B 41 -25.12 15.20 21.04
N GLU B 42 -25.83 15.31 19.93
CA GLU B 42 -27.06 14.55 19.71
C GLU B 42 -26.89 13.54 18.56
N LYS B 43 -25.83 13.70 17.76
CA LYS B 43 -25.60 12.89 16.59
C LYS B 43 -24.10 12.66 16.40
N VAL B 44 -23.74 11.39 16.21
CA VAL B 44 -22.34 10.96 16.07
C VAL B 44 -22.19 10.28 14.72
N LEU B 45 -21.11 10.64 14.01
CA LEU B 45 -20.76 9.96 12.77
C LEU B 45 -19.69 8.90 13.13
N ILE B 46 -19.95 7.61 12.81
CA ILE B 46 -18.97 6.56 13.01
C ILE B 46 -18.15 6.44 11.72
N ALA B 47 -16.83 6.72 11.83
CA ALA B 47 -15.84 6.59 10.75
C ALA B 47 -15.22 5.17 10.87
N ASN B 48 -16.09 4.15 10.69
CA ASN B 48 -15.75 2.73 10.81
C ASN B 48 -16.89 1.84 10.30
N ASN B 49 -16.69 0.52 10.36
CA ASN B 49 -17.69 -0.48 10.00
C ASN B 49 -17.50 -1.68 10.94
N GLY B 50 -18.09 -2.84 10.58
CA GLY B 50 -17.94 -4.08 11.32
C GLY B 50 -18.30 -3.98 12.78
N ILE B 51 -17.56 -4.71 13.61
CA ILE B 51 -17.74 -4.81 15.05
C ILE B 51 -17.57 -3.46 15.76
N ALA B 52 -16.62 -2.62 15.29
CA ALA B 52 -16.37 -1.29 15.87
C ALA B 52 -17.65 -0.44 15.82
N ALA B 53 -18.26 -0.32 14.62
CA ALA B 53 -19.51 0.43 14.39
C ALA B 53 -20.63 -0.12 15.25
N VAL B 54 -20.75 -1.48 15.34
CA VAL B 54 -21.78 -2.17 16.13
C VAL B 54 -21.58 -1.96 17.64
N LYS B 55 -20.33 -2.15 18.13
CA LYS B 55 -19.96 -1.97 19.55
C LYS B 55 -20.24 -0.54 20.07
N CYS B 56 -19.83 0.49 19.30
CA CYS B 56 -20.03 1.90 19.62
C CYS B 56 -21.54 2.19 19.80
N MET B 57 -22.37 1.74 18.82
CA MET B 57 -23.83 1.91 18.90
C MET B 57 -24.43 1.16 20.07
N ARG B 58 -24.11 -0.14 20.27
CA ARG B 58 -24.66 -0.92 21.38
C ARG B 58 -24.33 -0.35 22.75
N SER B 59 -23.03 -0.01 22.97
CA SER B 59 -22.59 0.57 24.24
C SER B 59 -23.26 1.92 24.53
N ILE B 60 -23.28 2.84 23.54
CA ILE B 60 -23.88 4.17 23.74
C ILE B 60 -25.40 4.10 23.95
N ARG B 61 -26.11 3.34 23.11
CA ARG B 61 -27.55 3.18 23.20
C ARG B 61 -27.99 2.67 24.58
N ARG B 62 -27.22 1.76 25.20
CA ARG B 62 -27.54 1.22 26.53
C ARG B 62 -27.47 2.35 27.58
N TRP B 63 -26.45 3.22 27.47
CA TRP B 63 -26.26 4.35 28.35
C TRP B 63 -27.41 5.35 28.14
N SER B 64 -27.80 5.57 26.86
CA SER B 64 -28.87 6.47 26.46
C SER B 64 -30.22 6.03 27.00
N TYR B 65 -30.47 4.71 27.07
CA TYR B 65 -31.72 4.18 27.64
C TYR B 65 -31.70 4.44 29.15
N GLU B 66 -30.56 4.21 29.82
CA GLU B 66 -30.40 4.47 31.25
C GLU B 66 -30.63 5.96 31.58
N MET B 67 -30.10 6.89 30.77
CA MET B 67 -30.19 8.32 31.02
C MET B 67 -31.49 9.01 30.58
N PHE B 68 -32.01 8.67 29.39
CA PHE B 68 -33.15 9.35 28.79
C PHE B 68 -34.37 8.46 28.48
N ARG B 69 -34.27 7.15 28.75
CA ARG B 69 -35.33 6.15 28.49
C ARG B 69 -35.69 6.11 27.01
N ASN B 70 -34.66 6.42 26.20
CA ASN B 70 -34.69 6.44 24.75
C ASN B 70 -33.28 6.06 24.32
N GLU B 71 -33.13 4.85 23.73
CA GLU B 71 -31.82 4.35 23.32
C GLU B 71 -31.26 5.09 22.10
N ARG B 72 -32.14 5.83 21.38
CA ARG B 72 -31.83 6.58 20.17
C ARG B 72 -31.69 8.07 20.44
N ALA B 73 -31.56 8.45 21.74
CA ALA B 73 -31.39 9.84 22.18
C ALA B 73 -30.15 10.47 21.53
N ILE B 74 -29.10 9.67 21.35
CA ILE B 74 -27.91 10.07 20.63
C ILE B 74 -27.99 9.29 19.34
N ARG B 75 -28.13 10.02 18.23
CA ARG B 75 -28.24 9.40 16.91
C ARG B 75 -26.88 9.00 16.35
N PHE B 76 -26.89 7.94 15.54
CA PHE B 76 -25.74 7.41 14.83
C PHE B 76 -25.89 7.44 13.31
N VAL B 77 -24.88 8.05 12.66
CA VAL B 77 -24.71 8.12 11.21
C VAL B 77 -23.58 7.12 10.86
N VAL B 78 -23.81 6.25 9.88
CA VAL B 78 -22.80 5.29 9.43
C VAL B 78 -22.39 5.52 7.98
N MET B 79 -21.15 5.12 7.66
CA MET B 79 -20.60 5.20 6.32
C MET B 79 -20.68 3.80 5.73
N VAL B 80 -21.24 3.66 4.52
CA VAL B 80 -21.37 2.32 3.93
C VAL B 80 -20.70 2.21 2.55
N THR B 81 -19.82 1.21 2.39
CA THR B 81 -19.15 0.91 1.13
C THR B 81 -20.08 0.00 0.31
N PRO B 82 -19.98 0.00 -1.05
CA PRO B 82 -20.79 -0.94 -1.84
C PRO B 82 -20.63 -2.39 -1.38
N GLU B 83 -19.38 -2.77 -1.00
CA GLU B 83 -18.98 -4.08 -0.48
C GLU B 83 -19.81 -4.44 0.76
N ASP B 84 -19.85 -3.53 1.79
CA ASP B 84 -20.62 -3.69 3.03
C ASP B 84 -22.13 -3.72 2.74
N LEU B 85 -22.59 -2.88 1.81
CA LEU B 85 -24.01 -2.85 1.44
C LEU B 85 -24.43 -4.17 0.77
N LYS B 86 -23.62 -4.70 -0.17
CA LYS B 86 -23.84 -5.97 -0.86
C LYS B 86 -23.79 -7.15 0.13
N ALA B 87 -22.94 -7.06 1.17
CA ALA B 87 -22.81 -8.08 2.22
C ALA B 87 -23.96 -8.03 3.22
N ASN B 88 -24.77 -6.96 3.18
CA ASN B 88 -25.85 -6.70 4.13
C ASN B 88 -25.32 -6.58 5.59
N ALA B 89 -24.16 -5.85 5.72
CA ALA B 89 -23.49 -5.55 7.00
C ALA B 89 -24.49 -5.00 8.01
N GLU B 90 -24.63 -5.70 9.14
CA GLU B 90 -25.60 -5.42 10.21
C GLU B 90 -25.62 -4.00 10.77
N TYR B 91 -24.46 -3.30 10.78
CA TYR B 91 -24.33 -1.94 11.30
C TYR B 91 -25.17 -0.92 10.54
N ILE B 92 -25.41 -1.17 9.23
CA ILE B 92 -26.20 -0.32 8.32
C ILE B 92 -27.62 -0.15 8.81
N LYS B 93 -28.35 -1.26 9.06
CA LYS B 93 -29.74 -1.22 9.52
C LYS B 93 -29.87 -0.77 10.98
N MET B 94 -28.84 -1.03 11.78
CA MET B 94 -28.72 -0.64 13.19
C MET B 94 -28.66 0.90 13.28
N ALA B 95 -27.97 1.54 12.33
CA ALA B 95 -27.78 3.00 12.29
C ALA B 95 -29.09 3.75 12.14
N ASP B 96 -29.14 4.98 12.66
CA ASP B 96 -30.33 5.84 12.53
C ASP B 96 -30.39 6.43 11.12
N HIS B 97 -29.19 6.62 10.53
CA HIS B 97 -28.91 7.16 9.21
C HIS B 97 -27.65 6.47 8.62
N TYR B 98 -27.63 6.28 7.31
CA TYR B 98 -26.49 5.72 6.60
C TYR B 98 -26.13 6.57 5.38
N VAL B 99 -24.84 6.60 5.06
CA VAL B 99 -24.31 7.40 3.95
C VAL B 99 -23.47 6.48 3.06
N PRO B 100 -23.88 6.25 1.78
CA PRO B 100 -23.02 5.44 0.88
C PRO B 100 -21.73 6.18 0.56
N VAL B 101 -20.61 5.50 0.69
CA VAL B 101 -19.28 6.06 0.44
C VAL B 101 -18.57 5.31 -0.70
N PRO B 102 -17.49 5.84 -1.34
CA PRO B 102 -16.85 5.08 -2.45
C PRO B 102 -16.22 3.77 -1.99
N GLY B 103 -16.29 2.75 -2.84
CA GLY B 103 -15.75 1.42 -2.56
C GLY B 103 -14.25 1.33 -2.72
N GLY B 104 -13.73 0.12 -2.51
CA GLY B 104 -12.32 -0.19 -2.61
C GLY B 104 -11.58 -0.13 -1.29
N PRO B 105 -10.24 0.16 -1.29
CA PRO B 105 -9.52 0.22 -0.01
C PRO B 105 -9.99 1.37 0.88
N ASN B 106 -9.78 1.22 2.21
CA ASN B 106 -10.21 2.17 3.25
C ASN B 106 -9.83 3.63 3.04
N ASN B 107 -8.71 3.90 2.29
CA ASN B 107 -8.19 5.24 1.96
C ASN B 107 -9.15 6.07 1.12
N ASN B 108 -10.05 5.39 0.40
CA ASN B 108 -11.10 5.96 -0.44
C ASN B 108 -12.36 6.21 0.41
N ASN B 109 -12.51 5.44 1.50
CA ASN B 109 -13.69 5.46 2.37
C ASN B 109 -13.44 5.77 3.84
N TYR B 110 -13.44 4.74 4.74
CA TYR B 110 -13.31 4.86 6.20
C TYR B 110 -12.12 5.62 6.74
N ALA B 111 -10.99 5.61 6.00
CA ALA B 111 -9.75 6.29 6.37
C ALA B 111 -9.55 7.66 5.69
N ASN B 112 -10.46 8.04 4.76
CA ASN B 112 -10.45 9.32 4.03
C ASN B 112 -10.96 10.45 4.92
N VAL B 113 -10.02 11.25 5.45
CA VAL B 113 -10.27 12.36 6.36
C VAL B 113 -11.20 13.41 5.75
N GLU B 114 -10.90 13.80 4.51
CA GLU B 114 -11.66 14.78 3.73
C GLU B 114 -13.12 14.36 3.54
N LEU B 115 -13.36 13.06 3.24
CA LEU B 115 -14.71 12.50 3.10
C LEU B 115 -15.46 12.46 4.46
N ILE B 116 -14.78 12.08 5.56
CA ILE B 116 -15.35 12.04 6.92
C ILE B 116 -15.84 13.45 7.29
N LEU B 117 -15.00 14.47 7.05
CA LEU B 117 -15.27 15.87 7.36
C LEU B 117 -16.46 16.40 6.61
N ASP B 118 -16.54 16.10 5.29
N ASP B 118 -16.54 16.10 5.30
CA ASP B 118 -17.60 16.51 4.37
CA ASP B 118 -17.59 16.54 4.41
C ASP B 118 -18.96 16.00 4.84
C ASP B 118 -18.97 16.00 4.80
N ILE B 119 -19.02 14.74 5.30
CA ILE B 119 -20.26 14.08 5.78
C ILE B 119 -20.61 14.70 7.13
N ALA B 120 -19.59 14.85 8.02
CA ALA B 120 -19.77 15.44 9.36
C ALA B 120 -20.41 16.82 9.26
N LYS B 121 -19.92 17.63 8.30
CA LYS B 121 -20.40 19.00 8.05
C LYS B 121 -21.79 19.07 7.41
N ARG B 122 -22.08 18.10 6.55
CA ARG B 122 -23.29 17.98 5.72
C ARG B 122 -24.56 17.54 6.45
N ILE B 123 -24.47 16.54 7.35
CA ILE B 123 -25.65 16.05 8.08
C ILE B 123 -26.38 17.21 8.84
N PRO B 124 -25.73 17.96 9.75
CA PRO B 124 -24.39 17.78 10.31
C PRO B 124 -24.40 16.85 11.54
N VAL B 125 -23.24 16.39 12.00
CA VAL B 125 -23.11 15.60 13.22
C VAL B 125 -22.36 16.52 14.21
N GLN B 126 -22.39 16.20 15.52
CA GLN B 126 -21.67 17.04 16.50
C GLN B 126 -20.35 16.39 16.98
N ALA B 127 -20.15 15.11 16.67
CA ALA B 127 -18.95 14.35 17.01
C ALA B 127 -18.69 13.20 16.05
N VAL B 128 -17.42 12.76 16.00
CA VAL B 128 -16.97 11.63 15.17
C VAL B 128 -16.31 10.61 16.10
N TRP B 129 -16.67 9.35 15.92
CA TRP B 129 -16.03 8.24 16.61
C TRP B 129 -15.33 7.42 15.49
N ALA B 130 -14.01 7.24 15.60
CA ALA B 130 -13.23 6.51 14.59
C ALA B 130 -12.98 5.04 14.97
N GLY B 131 -13.00 4.76 16.28
CA GLY B 131 -12.76 3.42 16.81
C GLY B 131 -11.34 2.95 16.71
N TRP B 132 -11.14 1.75 16.19
CA TRP B 132 -9.83 1.16 15.96
C TRP B 132 -9.72 0.80 14.47
N GLY B 133 -8.51 0.90 13.91
CA GLY B 133 -8.30 0.74 12.48
C GLY B 133 -8.73 2.00 11.72
N HIS B 134 -8.51 2.02 10.38
CA HIS B 134 -8.86 3.12 9.46
C HIS B 134 -8.16 4.46 9.79
N ALA B 135 -8.92 5.56 10.03
CA ALA B 135 -8.39 6.90 10.35
C ALA B 135 -8.25 7.18 11.87
N SER B 136 -8.40 6.15 12.74
CA SER B 136 -8.32 6.27 14.20
C SER B 136 -6.97 6.71 14.75
N GLU B 137 -5.93 6.74 13.90
CA GLU B 137 -4.59 7.13 14.27
C GLU B 137 -3.98 8.17 13.30
N ASN B 138 -4.84 8.88 12.51
CA ASN B 138 -4.46 9.96 11.58
C ASN B 138 -4.70 11.32 12.28
N PRO B 139 -3.62 12.06 12.65
CA PRO B 139 -3.82 13.30 13.40
C PRO B 139 -4.58 14.44 12.73
N LYS B 140 -4.76 14.43 11.40
CA LYS B 140 -5.49 15.49 10.69
C LYS B 140 -7.00 15.40 10.88
N LEU B 141 -7.52 14.19 11.20
CA LEU B 141 -8.95 14.00 11.48
C LEU B 141 -9.39 14.90 12.68
N PRO B 142 -8.88 14.76 13.93
CA PRO B 142 -9.31 15.70 14.99
C PRO B 142 -8.99 17.17 14.68
N GLU B 143 -7.91 17.42 13.91
CA GLU B 143 -7.44 18.75 13.50
C GLU B 143 -8.52 19.47 12.69
N LEU B 144 -8.97 18.84 11.59
CA LEU B 144 -9.99 19.36 10.69
C LEU B 144 -11.35 19.47 11.36
N LEU B 145 -11.71 18.48 12.23
CA LEU B 145 -12.97 18.46 12.97
C LEU B 145 -13.05 19.64 13.95
N LEU B 146 -11.94 19.92 14.67
CA LEU B 146 -11.90 21.04 15.64
C LEU B 146 -12.11 22.38 14.95
N LYS B 147 -11.47 22.58 13.77
CA LYS B 147 -11.57 23.77 12.92
C LYS B 147 -13.03 24.04 12.51
N ASN B 148 -13.85 22.98 12.38
CA ASN B 148 -15.25 23.05 11.99
C ASN B 148 -16.26 22.95 13.14
N GLY B 149 -15.77 23.07 14.38
CA GLY B 149 -16.60 22.98 15.59
C GLY B 149 -17.19 21.60 15.81
N ILE B 150 -16.53 20.54 15.28
CA ILE B 150 -17.01 19.15 15.41
C ILE B 150 -16.07 18.39 16.37
N ALA B 151 -16.66 17.78 17.41
CA ALA B 151 -15.91 17.06 18.41
C ALA B 151 -15.37 15.72 17.84
N PHE B 152 -14.31 15.21 18.48
CA PHE B 152 -13.71 13.94 18.13
C PHE B 152 -13.65 13.14 19.41
N MET B 153 -14.25 11.94 19.38
CA MET B 153 -14.28 11.02 20.51
C MET B 153 -13.00 10.25 20.50
N GLY B 154 -11.93 10.97 20.80
CA GLY B 154 -10.57 10.46 20.81
C GLY B 154 -9.62 11.58 21.12
N PRO B 155 -8.31 11.32 21.20
CA PRO B 155 -7.37 12.42 21.58
C PRO B 155 -7.27 13.59 20.59
N PRO B 156 -7.01 14.82 21.10
CA PRO B 156 -6.91 15.97 20.19
C PRO B 156 -5.65 15.88 19.32
N SER B 157 -5.62 16.62 18.19
CA SER B 157 -4.51 16.69 17.25
C SER B 157 -3.18 16.99 17.94
N GLN B 158 -3.14 18.03 18.81
CA GLN B 158 -1.95 18.40 19.58
C GLN B 158 -1.35 17.23 20.37
N ALA B 159 -2.19 16.37 21.00
CA ALA B 159 -1.75 15.17 21.73
C ALA B 159 -1.12 14.16 20.79
N MET B 160 -1.76 13.95 19.62
CA MET B 160 -1.32 13.05 18.56
C MET B 160 -0.04 13.53 17.89
N TRP B 161 0.05 14.88 17.65
CA TRP B 161 1.23 15.58 17.09
C TRP B 161 2.39 15.48 18.11
N ALA B 162 2.08 15.64 19.43
CA ALA B 162 3.03 15.54 20.54
C ALA B 162 3.66 14.14 20.69
N LEU B 163 2.81 13.09 20.54
CA LEU B 163 3.23 11.69 20.66
C LEU B 163 3.97 11.20 19.44
N GLY B 164 3.54 11.64 18.26
CA GLY B 164 4.11 11.26 16.98
C GLY B 164 3.99 9.76 16.76
N ASP B 165 5.03 9.14 16.22
CA ASP B 165 5.07 7.71 16.01
C ASP B 165 5.80 6.97 17.16
N LYS B 166 5.99 5.64 17.05
CA LYS B 166 6.68 4.83 18.05
C LYS B 166 8.04 5.41 18.51
N ILE B 167 8.85 5.99 17.59
CA ILE B 167 10.14 6.62 17.94
C ILE B 167 9.87 7.86 18.80
N ALA B 168 8.96 8.74 18.31
CA ALA B 168 8.61 9.96 19.00
C ALA B 168 8.00 9.72 20.39
N SER B 169 7.13 8.69 20.51
CA SER B 169 6.51 8.32 21.81
C SER B 169 7.55 7.81 22.80
N SER B 170 8.54 7.05 22.29
CA SER B 170 9.62 6.54 23.13
C SER B 170 10.52 7.66 23.68
N ILE B 171 10.71 8.73 22.90
CA ILE B 171 11.47 9.93 23.30
C ILE B 171 10.67 10.73 24.34
N VAL B 172 9.33 10.85 24.15
CA VAL B 172 8.45 11.48 25.16
C VAL B 172 8.52 10.69 26.48
N ALA B 173 8.43 9.34 26.41
CA ALA B 173 8.54 8.46 27.61
C ALA B 173 9.83 8.66 28.37
N GLN B 174 10.95 8.76 27.63
CA GLN B 174 12.30 9.00 28.17
C GLN B 174 12.40 10.37 28.86
N THR B 175 11.74 11.41 28.26
CA THR B 175 11.63 12.77 28.80
C THR B 175 10.90 12.75 30.15
N ALA B 176 9.87 11.87 30.28
CA ALA B 176 9.08 11.69 31.50
C ALA B 176 9.81 10.87 32.57
N GLY B 177 10.92 10.24 32.20
CA GLY B 177 11.69 9.40 33.10
C GLY B 177 11.16 7.98 33.22
N ILE B 178 10.44 7.50 32.17
CA ILE B 178 9.91 6.13 32.12
C ILE B 178 10.98 5.25 31.48
N PRO B 179 11.35 4.10 32.12
CA PRO B 179 12.38 3.24 31.53
C PRO B 179 11.96 2.67 30.17
N THR B 180 12.95 2.50 29.30
CA THR B 180 12.82 1.92 27.96
C THR B 180 13.99 0.98 27.76
N LEU B 181 13.78 -0.05 26.93
CA LEU B 181 14.82 -1.02 26.58
C LEU B 181 15.89 -0.33 25.74
N PRO B 182 17.15 -0.82 25.74
CA PRO B 182 18.16 -0.22 24.85
C PRO B 182 17.68 -0.25 23.40
N TRP B 183 17.69 0.91 22.75
CA TRP B 183 17.19 1.02 21.39
C TRP B 183 17.97 2.08 20.65
N SER B 184 17.78 2.17 19.33
CA SER B 184 18.43 3.14 18.44
C SER B 184 18.26 4.63 18.91
N GLY B 185 17.19 4.90 19.64
CA GLY B 185 16.92 6.21 20.21
C GLY B 185 17.11 6.36 21.72
N SER B 186 17.86 5.45 22.37
CA SER B 186 18.19 5.50 23.80
C SER B 186 18.98 6.79 24.10
N GLY B 187 18.72 7.38 25.27
CA GLY B 187 19.34 8.61 25.72
C GLY B 187 18.68 9.91 25.26
N LEU B 188 17.83 9.84 24.23
CA LEU B 188 17.15 11.03 23.71
C LEU B 188 16.01 11.49 24.62
N ARG B 189 16.11 12.72 25.04
CA ARG B 189 15.13 13.35 25.89
C ARG B 189 14.92 14.72 25.31
N VAL B 190 13.85 15.37 25.73
CA VAL B 190 13.53 16.73 25.35
C VAL B 190 13.93 17.48 26.59
N ASP B 191 14.62 18.62 26.41
CA ASP B 191 15.02 19.51 27.49
C ASP B 191 13.67 20.01 28.04
N TRP B 192 13.31 19.58 29.28
CA TRP B 192 12.02 19.86 29.91
C TRP B 192 12.15 19.86 31.44
N SER B 198 6.81 24.75 32.66
CA SER B 198 6.33 24.05 31.48
C SER B 198 5.48 22.81 31.83
N LYS B 199 4.16 22.95 31.66
CA LYS B 199 3.14 21.94 31.95
C LYS B 199 3.18 20.77 30.95
N ARG B 200 3.06 21.08 29.65
CA ARG B 200 3.01 20.10 28.58
C ARG B 200 4.15 20.21 27.57
N ILE B 201 4.15 19.29 26.59
CA ILE B 201 5.09 19.18 25.46
C ILE B 201 4.26 19.12 24.17
N LEU B 202 4.45 20.08 23.24
CA LEU B 202 3.69 20.15 21.98
C LEU B 202 4.18 19.17 20.93
N ASN B 203 5.51 18.86 20.95
CA ASN B 203 6.20 17.87 20.09
C ASN B 203 7.69 17.73 20.37
N VAL B 204 8.27 16.75 19.69
CA VAL B 204 9.66 16.36 19.68
C VAL B 204 10.22 17.00 18.40
N PRO B 205 11.32 17.79 18.47
CA PRO B 205 11.88 18.40 17.24
C PRO B 205 12.46 17.37 16.28
N GLN B 206 12.27 17.60 14.96
CA GLN B 206 12.71 16.74 13.86
C GLN B 206 14.19 16.29 13.90
N GLU B 207 15.10 17.14 14.41
CA GLU B 207 16.54 16.85 14.52
C GLU B 207 16.80 15.78 15.59
N LEU B 208 16.13 15.90 16.76
CA LEU B 208 16.22 14.94 17.87
C LEU B 208 15.58 13.60 17.44
N TYR B 209 14.40 13.69 16.81
CA TYR B 209 13.62 12.57 16.28
C TYR B 209 14.49 11.75 15.31
N GLU B 210 15.23 12.45 14.41
CA GLU B 210 16.11 11.86 13.40
C GLU B 210 17.32 11.08 13.98
N LYS B 211 17.62 11.29 15.27
CA LYS B 211 18.71 10.61 15.98
C LYS B 211 18.30 9.22 16.51
N GLY B 212 16.99 8.96 16.54
CA GLY B 212 16.42 7.70 16.99
C GLY B 212 16.07 6.72 15.89
N TYR B 213 15.88 7.21 14.66
CA TYR B 213 15.53 6.35 13.52
C TYR B 213 16.75 5.86 12.72
N VAL B 214 16.55 4.82 11.88
CA VAL B 214 17.55 4.22 10.99
C VAL B 214 17.00 4.15 9.56
N LYS B 215 17.76 4.62 8.55
CA LYS B 215 17.34 4.61 7.15
C LYS B 215 18.16 3.60 6.33
N ASP B 216 19.49 3.62 6.48
CA ASP B 216 20.38 2.68 5.79
C ASP B 216 20.43 1.38 6.58
N VAL B 217 20.77 0.26 5.90
CA VAL B 217 20.94 -1.05 6.52
C VAL B 217 22.13 -1.01 7.47
N ASP B 218 23.22 -0.34 7.04
CA ASP B 218 24.49 -0.15 7.77
C ASP B 218 24.26 0.71 9.01
N ASP B 219 23.38 1.74 8.89
CA ASP B 219 22.95 2.65 9.98
C ASP B 219 22.20 1.78 10.99
N GLY B 220 21.33 0.91 10.47
CA GLY B 220 20.59 -0.07 11.27
C GLY B 220 21.51 -1.13 11.86
N LEU B 221 22.52 -1.60 11.07
CA LEU B 221 23.50 -2.60 11.49
C LEU B 221 24.32 -2.01 12.60
N GLN B 222 24.56 -0.67 12.54
CA GLN B 222 25.27 0.10 13.58
C GLN B 222 24.49 0.10 14.89
N ALA B 223 23.18 0.44 14.83
CA ALA B 223 22.28 0.44 16.00
C ALA B 223 22.21 -0.96 16.62
N ALA B 224 22.04 -2.02 15.80
CA ALA B 224 21.96 -3.42 16.25
C ALA B 224 23.23 -3.88 16.94
N GLU B 225 24.38 -3.37 16.49
CA GLU B 225 25.68 -3.70 17.05
C GLU B 225 25.87 -3.01 18.40
N GLU B 226 25.44 -1.73 18.49
CA GLU B 226 25.54 -0.93 19.71
C GLU B 226 24.63 -1.47 20.82
N VAL B 227 23.32 -1.67 20.52
CA VAL B 227 22.33 -2.22 21.45
C VAL B 227 22.70 -3.67 21.84
N GLY B 228 23.16 -4.43 20.85
CA GLY B 228 23.57 -5.82 21.01
C GLY B 228 22.46 -6.79 20.68
N TYR B 229 22.83 -7.87 19.94
CA TYR B 229 21.91 -8.94 19.55
C TYR B 229 21.42 -9.77 20.76
N PRO B 230 20.19 -10.36 20.72
CA PRO B 230 19.20 -10.31 19.64
C PRO B 230 18.40 -9.00 19.65
N VAL B 231 18.07 -8.51 18.45
CA VAL B 231 17.35 -7.26 18.28
C VAL B 231 16.01 -7.43 17.54
N MET B 232 15.25 -6.35 17.49
CA MET B 232 13.98 -6.23 16.78
C MET B 232 14.08 -5.04 15.84
N ILE B 233 13.86 -5.27 14.54
CA ILE B 233 13.79 -4.21 13.53
C ILE B 233 12.29 -3.89 13.52
N LYS B 234 11.93 -2.66 13.87
CA LYS B 234 10.52 -2.27 13.94
C LYS B 234 10.22 -1.00 13.15
N ALA B 235 9.03 -0.98 12.54
CA ALA B 235 8.46 0.15 11.80
C ALA B 235 7.75 1.03 12.81
N SER B 236 8.07 2.34 12.82
CA SER B 236 7.44 3.28 13.76
C SER B 236 5.99 3.59 13.40
N GLU B 237 5.60 3.30 12.15
CA GLU B 237 4.24 3.54 11.69
C GLU B 237 3.42 2.23 11.62
N GLY B 238 4.05 1.15 12.05
CA GLY B 238 3.47 -0.19 12.08
C GLY B 238 2.42 -0.35 13.16
N GLY B 239 1.28 -0.90 12.77
CA GLY B 239 0.14 -1.16 13.65
C GLY B 239 -0.30 -2.61 13.53
N GLY B 240 -0.93 -3.11 14.59
CA GLY B 240 -1.44 -4.48 14.68
C GLY B 240 -0.44 -5.58 14.38
N GLY B 241 0.75 -5.45 14.96
CA GLY B 241 1.86 -6.40 14.83
C GLY B 241 2.57 -6.42 13.50
N LYS B 242 2.35 -5.38 12.64
CA LYS B 242 2.96 -5.28 11.31
C LYS B 242 4.27 -4.50 11.30
N GLY B 243 5.25 -5.01 10.57
CA GLY B 243 6.56 -4.40 10.44
C GLY B 243 7.44 -4.62 11.66
N ILE B 244 7.55 -5.89 12.09
CA ILE B 244 8.37 -6.30 13.24
C ILE B 244 9.10 -7.58 12.85
N ARG B 245 10.44 -7.59 13.01
CA ARG B 245 11.24 -8.76 12.67
C ARG B 245 12.33 -9.01 13.69
N LYS B 246 12.34 -10.24 14.26
CA LYS B 246 13.30 -10.71 15.26
C LYS B 246 14.63 -11.00 14.57
N VAL B 247 15.74 -10.45 15.10
CA VAL B 247 17.07 -10.60 14.50
C VAL B 247 18.06 -11.16 15.52
N ASN B 248 18.70 -12.31 15.20
CA ASN B 248 19.67 -12.98 16.05
C ASN B 248 21.14 -12.65 15.74
N ASN B 249 21.48 -12.43 14.45
CA ASN B 249 22.86 -12.11 14.05
C ASN B 249 22.89 -11.05 12.97
N ALA B 250 24.08 -10.47 12.71
CA ALA B 250 24.29 -9.41 11.72
C ALA B 250 24.01 -9.76 10.25
N ASP B 251 24.39 -10.97 9.78
CA ASP B 251 24.22 -11.44 8.39
C ASP B 251 22.73 -11.59 8.03
N ASP B 252 21.88 -11.91 9.03
CA ASP B 252 20.43 -12.06 8.90
C ASP B 252 19.76 -10.70 8.77
N PHE B 253 20.30 -9.68 9.47
CA PHE B 253 19.80 -8.30 9.52
C PHE B 253 19.34 -7.63 8.20
N PRO B 254 20.17 -7.56 7.12
CA PRO B 254 19.74 -6.81 5.91
C PRO B 254 18.47 -7.31 5.23
N ASN B 255 18.32 -8.66 5.19
CA ASN B 255 17.18 -9.35 4.61
C ASN B 255 15.92 -9.01 5.40
N LEU B 256 16.04 -9.09 6.73
CA LEU B 256 14.98 -8.81 7.71
C LEU B 256 14.61 -7.33 7.71
N PHE B 257 15.61 -6.42 7.48
CA PHE B 257 15.43 -4.97 7.36
C PHE B 257 14.61 -4.67 6.11
N ARG B 258 14.93 -5.36 4.99
CA ARG B 258 14.26 -5.24 3.69
C ARG B 258 12.79 -5.67 3.76
N GLN B 259 12.51 -6.68 4.61
CA GLN B 259 11.16 -7.22 4.85
C GLN B 259 10.30 -6.18 5.59
N VAL B 260 10.86 -5.53 6.64
CA VAL B 260 10.21 -4.48 7.46
C VAL B 260 9.88 -3.25 6.57
N GLN B 261 10.79 -2.90 5.64
CA GLN B 261 10.62 -1.83 4.64
C GLN B 261 9.42 -2.18 3.73
N ALA B 262 9.37 -3.44 3.22
CA ALA B 262 8.32 -3.94 2.35
C ALA B 262 6.94 -4.06 3.06
N GLU B 263 6.93 -4.45 4.35
CA GLU B 263 5.71 -4.61 5.14
C GLU B 263 5.01 -3.26 5.42
N VAL B 264 5.79 -2.24 5.86
CA VAL B 264 5.28 -0.90 6.15
C VAL B 264 6.11 0.11 5.31
N PRO B 265 5.82 0.23 3.97
CA PRO B 265 6.61 1.15 3.13
C PRO B 265 6.37 2.63 3.45
N GLY B 266 7.46 3.39 3.46
CA GLY B 266 7.44 4.81 3.75
C GLY B 266 7.73 5.15 5.20
N SER B 267 7.58 4.15 6.10
CA SER B 267 7.76 4.30 7.53
C SER B 267 9.23 4.37 7.98
N PRO B 268 9.59 5.31 8.90
CA PRO B 268 10.95 5.29 9.49
C PRO B 268 11.13 3.98 10.27
N ILE B 269 12.37 3.52 10.47
CA ILE B 269 12.62 2.24 11.15
C ILE B 269 13.50 2.43 12.39
N PHE B 270 13.29 1.58 13.42
CA PHE B 270 14.13 1.59 14.61
C PHE B 270 14.55 0.18 14.98
N VAL B 271 15.58 0.11 15.79
CA VAL B 271 16.16 -1.14 16.27
C VAL B 271 16.09 -1.06 17.78
N MET B 272 15.65 -2.15 18.42
CA MET B 272 15.54 -2.21 19.89
C MET B 272 15.98 -3.57 20.42
N ARG B 273 16.32 -3.62 21.73
CA ARG B 273 16.71 -4.84 22.45
C ARG B 273 15.54 -5.82 22.54
N LEU B 274 15.75 -7.06 22.07
CA LEU B 274 14.73 -8.10 22.21
C LEU B 274 14.81 -8.60 23.67
N ALA B 275 13.77 -8.36 24.48
CA ALA B 275 13.81 -8.85 25.86
C ALA B 275 13.13 -10.21 25.93
N LYS B 276 13.91 -11.25 26.23
CA LYS B 276 13.44 -12.63 26.38
C LYS B 276 12.64 -12.78 27.68
N GLN B 277 11.80 -13.84 27.76
CA GLN B 277 10.94 -14.18 28.91
C GLN B 277 10.13 -12.99 29.47
N SER B 278 9.56 -12.18 28.57
CA SER B 278 8.77 -11.04 29.02
C SER B 278 7.28 -11.11 28.83
N ARG B 279 6.59 -10.36 29.69
CA ARG B 279 5.14 -10.16 29.69
C ARG B 279 4.85 -8.86 28.97
N HIS B 280 3.78 -8.84 28.19
CA HIS B 280 3.33 -7.63 27.51
C HIS B 280 2.12 -7.18 28.31
N LEU B 281 2.22 -6.05 28.97
CA LEU B 281 1.13 -5.52 29.77
C LEU B 281 0.66 -4.18 29.25
N GLU B 282 -0.60 -3.87 29.46
CA GLU B 282 -1.21 -2.63 29.00
C GLU B 282 -1.88 -1.95 30.16
N VAL B 283 -1.86 -0.62 30.17
CA VAL B 283 -2.58 0.18 31.14
C VAL B 283 -3.70 0.90 30.38
N GLN B 284 -4.96 0.72 30.81
CA GLN B 284 -6.04 1.43 30.16
C GLN B 284 -6.10 2.84 30.76
N ILE B 285 -6.06 3.86 29.89
CA ILE B 285 -6.12 5.27 30.29
C ILE B 285 -7.45 5.89 29.85
N LEU B 286 -7.92 6.85 30.65
CA LEU B 286 -9.12 7.64 30.39
C LEU B 286 -8.88 9.05 30.87
N ALA B 287 -8.94 10.01 29.94
CA ALA B 287 -8.71 11.39 30.27
C ALA B 287 -9.82 12.31 29.76
N ASP B 288 -10.18 13.32 30.55
CA ASP B 288 -11.18 14.31 30.16
C ASP B 288 -10.49 15.52 29.52
N GLN B 289 -11.24 16.60 29.24
CA GLN B 289 -10.71 17.81 28.61
C GLN B 289 -10.10 18.80 29.65
N TYR B 290 -9.96 18.38 30.93
CA TYR B 290 -9.51 19.25 32.02
C TYR B 290 -8.21 18.95 32.73
N GLY B 291 -7.49 17.92 32.30
CA GLY B 291 -6.23 17.54 32.93
C GLY B 291 -6.36 16.31 33.80
N ASN B 292 -7.60 15.82 34.02
CA ASN B 292 -7.84 14.61 34.81
C ASN B 292 -7.70 13.38 33.94
N ALA B 293 -6.76 12.51 34.30
CA ALA B 293 -6.43 11.27 33.62
C ALA B 293 -6.32 10.17 34.66
N ILE B 294 -6.95 9.04 34.40
CA ILE B 294 -6.91 7.91 35.33
C ILE B 294 -6.57 6.61 34.59
N SER B 295 -6.21 5.57 35.35
CA SER B 295 -6.02 4.25 34.79
C SER B 295 -7.28 3.42 35.13
N LEU B 296 -7.66 2.49 34.26
CA LEU B 296 -8.81 1.60 34.50
C LEU B 296 -8.23 0.19 34.58
N PHE B 297 -7.24 0.04 35.48
CA PHE B 297 -6.46 -1.17 35.71
C PHE B 297 -5.75 -1.53 34.42
N GLY B 298 -5.26 -2.76 34.32
CA GLY B 298 -4.51 -3.19 33.15
C GLY B 298 -5.04 -4.43 32.49
N ARG B 299 -4.32 -4.83 31.45
CA ARG B 299 -4.59 -6.02 30.66
C ARG B 299 -3.27 -6.73 30.39
N ASP B 300 -3.30 -8.05 30.50
CA ASP B 300 -2.15 -8.86 30.13
C ASP B 300 -2.41 -9.37 28.70
N CYS B 301 -1.52 -9.03 27.76
CA CYS B 301 -1.63 -9.47 26.36
C CYS B 301 -0.35 -10.18 25.91
N SER B 302 0.26 -11.00 26.80
CA SER B 302 1.50 -11.76 26.53
C SER B 302 1.30 -12.91 25.51
N VAL B 303 0.12 -13.57 25.50
CA VAL B 303 -0.16 -14.67 24.58
C VAL B 303 -0.31 -14.15 23.15
N GLN B 304 0.78 -14.28 22.37
CA GLN B 304 0.90 -13.77 21.01
C GLN B 304 1.39 -14.81 20.04
N ARG B 305 0.97 -14.71 18.78
CA ARG B 305 1.39 -15.59 17.71
C ARG B 305 1.70 -14.70 16.52
N ARG B 306 2.99 -14.60 16.15
CA ARG B 306 3.50 -13.77 15.04
C ARG B 306 3.12 -12.29 15.23
N HIS B 307 3.23 -11.83 16.50
CA HIS B 307 2.94 -10.47 16.98
C HIS B 307 1.47 -10.09 16.99
N GLN B 308 0.58 -11.11 17.01
CA GLN B 308 -0.85 -10.89 17.09
C GLN B 308 -1.35 -11.31 18.48
N LYS B 309 -2.07 -10.42 19.16
CA LYS B 309 -2.62 -10.68 20.50
C LYS B 309 -3.68 -11.78 20.43
N ILE B 310 -3.42 -12.91 21.09
CA ILE B 310 -4.32 -14.07 21.05
C ILE B 310 -5.21 -14.12 22.29
N ILE B 311 -4.60 -14.04 23.49
CA ILE B 311 -5.33 -14.06 24.74
C ILE B 311 -5.05 -12.79 25.45
N GLU B 312 -6.09 -12.19 26.02
CA GLU B 312 -5.96 -11.01 26.87
C GLU B 312 -6.59 -11.35 28.19
N GLU B 313 -6.14 -10.70 29.26
CA GLU B 313 -6.72 -10.90 30.60
C GLU B 313 -6.86 -9.56 31.31
N ALA B 314 -7.93 -9.40 32.09
CA ALA B 314 -8.09 -8.21 32.91
C ALA B 314 -8.57 -8.63 34.31
N PRO B 315 -7.92 -8.17 35.41
CA PRO B 315 -6.71 -7.31 35.48
C PRO B 315 -5.41 -8.05 35.12
N ALA B 316 -4.27 -7.33 35.10
CA ALA B 316 -2.93 -7.89 34.81
C ALA B 316 -2.29 -8.37 36.14
N THR B 317 -2.70 -9.56 36.60
CA THR B 317 -2.28 -10.20 37.86
C THR B 317 -0.79 -10.57 38.01
N ILE B 318 -0.05 -10.77 36.88
CA ILE B 318 1.37 -11.13 36.91
C ILE B 318 2.29 -10.13 37.66
N ALA B 319 2.12 -8.83 37.42
CA ALA B 319 2.92 -7.79 38.05
C ALA B 319 2.61 -7.66 39.54
N THR B 320 3.63 -7.25 40.32
CA THR B 320 3.53 -6.98 41.76
C THR B 320 2.63 -5.75 41.90
N PRO B 321 1.63 -5.74 42.82
CA PRO B 321 0.75 -4.57 42.94
C PRO B 321 1.44 -3.19 42.96
N ALA B 322 2.60 -3.10 43.65
CA ALA B 322 3.41 -1.89 43.76
C ALA B 322 4.01 -1.49 42.40
N VAL B 323 4.52 -2.48 41.63
CA VAL B 323 5.13 -2.28 40.31
C VAL B 323 4.05 -1.86 39.32
N PHE B 324 2.88 -2.54 39.37
CA PHE B 324 1.78 -2.16 38.49
C PHE B 324 1.25 -0.77 38.78
N GLU B 325 1.22 -0.37 40.06
CA GLU B 325 0.80 0.96 40.48
C GLU B 325 1.75 2.01 39.88
N HIS B 326 3.07 1.70 39.89
CA HIS B 326 4.09 2.54 39.28
C HIS B 326 3.87 2.68 37.77
N MET B 327 3.57 1.55 37.09
CA MET B 327 3.29 1.49 35.64
C MET B 327 2.09 2.33 35.29
N GLU B 328 1.04 2.26 36.16
CA GLU B 328 -0.19 3.06 36.04
C GLU B 328 0.08 4.57 36.15
N GLN B 329 0.95 4.99 37.10
CA GLN B 329 1.29 6.41 37.36
C GLN B 329 2.13 7.01 36.22
N CYS B 330 3.01 6.20 35.62
CA CYS B 330 3.84 6.59 34.47
C CYS B 330 2.98 6.80 33.28
N ALA B 331 1.97 5.92 33.12
CA ALA B 331 0.99 5.95 32.05
C ALA B 331 0.16 7.21 32.14
N VAL B 332 -0.26 7.59 33.37
CA VAL B 332 -1.04 8.82 33.65
C VAL B 332 -0.17 10.07 33.42
N LYS B 333 1.10 10.05 33.88
CA LYS B 333 2.04 11.19 33.68
C LYS B 333 2.24 11.48 32.19
N LEU B 334 2.59 10.43 31.43
CA LEU B 334 2.82 10.42 29.98
C LEU B 334 1.59 10.97 29.22
N ALA B 335 0.38 10.57 29.66
CA ALA B 335 -0.90 11.05 29.07
C ALA B 335 -1.09 12.53 29.38
N LYS B 336 -0.88 12.93 30.66
CA LYS B 336 -1.01 14.32 31.12
C LYS B 336 -0.04 15.26 30.40
N MET B 337 1.22 14.81 30.20
CA MET B 337 2.30 15.55 29.52
C MET B 337 1.97 15.96 28.09
N VAL B 338 1.27 15.08 27.36
CA VAL B 338 0.90 15.30 25.96
C VAL B 338 -0.50 15.93 25.79
N GLY B 339 -1.18 16.23 26.90
CA GLY B 339 -2.54 16.75 26.89
C GLY B 339 -3.49 15.75 26.27
N TYR B 340 -3.39 14.49 26.70
CA TYR B 340 -4.23 13.43 26.15
C TYR B 340 -5.69 13.57 26.62
N VAL B 341 -6.63 13.20 25.76
CA VAL B 341 -8.06 13.20 26.04
C VAL B 341 -8.60 11.86 25.51
N SER B 342 -9.69 11.34 26.15
CA SER B 342 -10.41 10.09 25.82
C SER B 342 -9.66 8.86 26.30
N ALA B 343 -9.91 7.71 25.65
CA ALA B 343 -9.31 6.39 25.90
C ALA B 343 -7.99 6.22 25.13
N GLY B 344 -7.04 5.61 25.82
CA GLY B 344 -5.71 5.29 25.32
C GLY B 344 -5.18 4.10 26.05
N THR B 345 -4.17 3.46 25.47
CA THR B 345 -3.55 2.27 26.05
C THR B 345 -2.05 2.51 26.12
N VAL B 346 -1.48 2.38 27.34
CA VAL B 346 -0.03 2.46 27.51
C VAL B 346 0.49 1.03 27.63
N GLU B 347 1.30 0.60 26.66
CA GLU B 347 1.87 -0.75 26.60
C GLU B 347 3.29 -0.83 27.14
N TYR B 348 3.53 -1.83 27.99
CA TYR B 348 4.82 -2.07 28.63
C TYR B 348 5.30 -3.51 28.47
N LEU B 349 6.60 -3.69 28.52
CA LEU B 349 7.22 -5.00 28.56
C LEU B 349 7.65 -5.16 30.03
N TYR B 350 7.20 -6.24 30.68
CA TYR B 350 7.42 -6.51 32.09
C TYR B 350 8.30 -7.77 32.27
N SER B 351 9.43 -7.66 33.00
CA SER B 351 10.36 -8.78 33.24
C SER B 351 10.11 -9.40 34.63
N GLN B 352 10.38 -10.71 34.77
CA GLN B 352 10.17 -11.48 36.03
C GLN B 352 10.86 -10.81 37.23
N ASP B 353 11.96 -10.10 36.92
CA ASP B 353 12.79 -9.24 37.75
C ASP B 353 11.91 -8.17 38.47
N GLY B 354 10.77 -7.84 37.87
CA GLY B 354 9.89 -6.79 38.36
C GLY B 354 10.10 -5.49 37.61
N SER B 355 11.07 -5.47 36.70
CA SER B 355 11.33 -4.28 35.90
C SER B 355 10.35 -4.20 34.72
N PHE B 356 10.01 -2.98 34.34
CA PHE B 356 9.09 -2.73 33.24
C PHE B 356 9.70 -1.70 32.28
N TYR B 357 9.26 -1.77 31.00
CA TYR B 357 9.77 -0.86 29.99
C TYR B 357 8.63 -0.40 29.12
N PHE B 358 8.56 0.93 28.85
CA PHE B 358 7.58 1.52 27.93
C PHE B 358 7.86 0.99 26.54
N LEU B 359 6.79 0.58 25.87
CA LEU B 359 6.87 0.04 24.52
C LEU B 359 6.18 1.00 23.57
N GLU B 360 4.90 1.32 23.86
CA GLU B 360 4.09 2.22 23.04
C GLU B 360 2.81 2.70 23.74
N LEU B 361 2.18 3.69 23.11
CA LEU B 361 0.90 4.23 23.51
C LEU B 361 0.00 4.07 22.31
N ASN B 362 -1.13 3.37 22.51
CA ASN B 362 -2.12 3.21 21.47
C ASN B 362 -3.14 4.37 21.64
N PRO B 363 -3.23 5.31 20.66
CA PRO B 363 -4.08 6.50 20.87
C PRO B 363 -5.54 6.29 20.53
N ARG B 364 -6.06 5.14 20.88
CA ARG B 364 -7.42 4.75 20.55
C ARG B 364 -7.90 3.60 21.41
N LEU B 365 -9.21 3.35 21.37
CA LEU B 365 -9.90 2.24 22.01
C LEU B 365 -9.53 0.95 21.24
N GLN B 366 -9.15 -0.16 21.92
CA GLN B 366 -8.75 -1.40 21.22
C GLN B 366 -9.97 -2.34 21.13
N VAL B 367 -9.89 -3.38 20.27
CA VAL B 367 -10.96 -4.36 20.12
C VAL B 367 -11.24 -5.15 21.42
N GLU B 368 -10.19 -5.33 22.25
CA GLU B 368 -10.23 -6.10 23.49
C GLU B 368 -10.64 -5.25 24.68
N HIS B 369 -11.00 -3.95 24.46
CA HIS B 369 -11.48 -3.04 25.51
C HIS B 369 -12.62 -3.61 26.38
N PRO B 370 -13.58 -4.48 25.91
CA PRO B 370 -14.58 -5.03 26.87
C PRO B 370 -13.98 -5.79 28.06
N CYS B 371 -12.71 -6.30 27.99
CA CYS B 371 -12.02 -6.94 29.14
C CYS B 371 -12.04 -5.99 30.30
N THR B 372 -11.62 -4.76 30.04
CA THR B 372 -11.57 -3.64 30.99
C THR B 372 -12.99 -3.21 31.43
N GLU B 373 -13.93 -3.07 30.48
CA GLU B 373 -15.31 -2.63 30.75
C GLU B 373 -15.96 -3.47 31.83
N MET B 374 -15.75 -4.79 31.75
CA MET B 374 -16.28 -5.85 32.62
C MET B 374 -15.71 -5.91 34.03
N VAL B 375 -14.42 -5.58 34.22
CA VAL B 375 -13.79 -5.58 35.55
C VAL B 375 -13.88 -4.25 36.24
N ALA B 376 -13.91 -3.15 35.45
CA ALA B 376 -13.96 -1.78 35.94
C ALA B 376 -15.38 -1.27 36.05
N ASP B 377 -16.33 -1.94 35.37
CA ASP B 377 -17.73 -1.52 35.29
C ASP B 377 -17.85 -0.07 34.75
N VAL B 378 -17.11 0.19 33.66
CA VAL B 378 -17.06 1.46 32.95
C VAL B 378 -17.45 1.17 31.50
N ASN B 379 -18.46 1.87 31.00
CA ASN B 379 -18.86 1.74 29.60
C ASN B 379 -17.92 2.69 28.86
N LEU B 380 -16.92 2.15 28.15
CA LEU B 380 -15.92 2.96 27.46
C LEU B 380 -16.44 3.86 26.33
N PRO B 381 -17.21 3.38 25.30
CA PRO B 381 -17.73 4.34 24.30
C PRO B 381 -18.62 5.45 24.88
N ALA B 382 -19.38 5.18 25.97
CA ALA B 382 -20.24 6.20 26.61
C ALA B 382 -19.39 7.24 27.30
N ALA B 383 -18.29 6.82 27.95
CA ALA B 383 -17.32 7.72 28.58
C ALA B 383 -16.69 8.61 27.50
N GLN B 384 -16.34 8.05 26.32
CA GLN B 384 -15.76 8.80 25.21
C GLN B 384 -16.71 9.89 24.75
N LEU B 385 -18.02 9.56 24.68
CA LEU B 385 -19.07 10.48 24.30
C LEU B 385 -19.20 11.59 25.32
N GLN B 386 -19.29 11.24 26.61
CA GLN B 386 -19.43 12.23 27.68
C GLN B 386 -18.26 13.18 27.78
N ILE B 387 -17.03 12.66 27.61
CA ILE B 387 -15.80 13.43 27.59
C ILE B 387 -15.82 14.46 26.45
N ALA B 388 -16.32 14.05 25.26
CA ALA B 388 -16.42 14.91 24.08
C ALA B 388 -17.46 16.04 24.24
N MET B 389 -18.42 15.85 25.17
CA MET B 389 -19.45 16.82 25.55
C MET B 389 -18.90 17.76 26.62
N GLY B 390 -17.62 17.60 26.96
CA GLY B 390 -16.93 18.38 27.98
C GLY B 390 -17.30 17.98 29.39
N ILE B 391 -17.80 16.73 29.60
CA ILE B 391 -18.17 16.26 30.95
C ILE B 391 -16.91 15.88 31.70
N PRO B 392 -16.62 16.49 32.88
CA PRO B 392 -15.41 16.09 33.62
C PRO B 392 -15.55 14.65 34.13
N LEU B 393 -14.39 13.94 34.28
CA LEU B 393 -14.36 12.55 34.75
C LEU B 393 -15.17 12.34 36.02
N TYR B 394 -15.06 13.28 36.99
CA TYR B 394 -15.78 13.24 38.28
C TYR B 394 -17.33 13.40 38.15
N ARG B 395 -17.83 13.77 36.97
CA ARG B 395 -19.26 13.89 36.74
C ARG B 395 -19.86 12.71 35.96
N ILE B 396 -19.03 11.67 35.73
CA ILE B 396 -19.44 10.42 35.06
C ILE B 396 -19.75 9.41 36.13
N LYS B 397 -21.00 8.95 36.17
CA LYS B 397 -21.51 7.98 37.15
C LYS B 397 -20.56 6.79 37.34
N ASP B 398 -20.18 6.10 36.23
CA ASP B 398 -19.26 4.96 36.22
C ASP B 398 -17.96 5.21 36.97
N ILE B 399 -17.36 6.39 36.77
CA ILE B 399 -16.11 6.79 37.42
C ILE B 399 -16.36 7.09 38.91
N ARG B 400 -17.50 7.74 39.24
CA ARG B 400 -17.90 8.07 40.61
C ARG B 400 -18.02 6.81 41.46
N MET B 401 -18.68 5.77 40.91
CA MET B 401 -18.84 4.47 41.56
C MET B 401 -17.50 3.77 41.76
N MET B 402 -16.63 3.83 40.73
CA MET B 402 -15.31 3.21 40.73
C MET B 402 -14.48 3.70 41.92
N TYR B 403 -14.56 5.01 42.20
CA TYR B 403 -13.86 5.68 43.30
C TYR B 403 -14.67 5.73 44.64
N GLY B 404 -15.71 4.91 44.73
CA GLY B 404 -16.56 4.71 45.90
C GLY B 404 -17.33 5.88 46.46
N VAL B 405 -17.67 6.88 45.61
CA VAL B 405 -18.46 8.06 46.02
C VAL B 405 -19.92 7.97 45.52
N SER B 406 -20.73 9.01 45.80
CA SER B 406 -22.15 9.09 45.40
C SER B 406 -22.31 9.00 43.87
N PRO B 407 -23.22 8.17 43.35
CA PRO B 407 -23.36 8.04 41.89
C PRO B 407 -23.80 9.30 41.14
N TRP B 408 -24.61 10.14 41.80
CA TRP B 408 -25.17 11.34 41.20
C TRP B 408 -24.74 12.67 41.79
N GLY B 409 -23.76 12.65 42.68
CA GLY B 409 -23.21 13.86 43.29
C GLY B 409 -22.31 14.61 42.32
N ASP B 410 -22.01 15.87 42.66
CA ASP B 410 -21.17 16.79 41.86
C ASP B 410 -19.82 17.08 42.54
N SER B 411 -19.55 16.38 43.65
CA SER B 411 -18.33 16.53 44.44
C SER B 411 -17.05 16.13 43.65
N PRO B 412 -16.03 17.03 43.56
CA PRO B 412 -14.80 16.68 42.84
C PRO B 412 -14.04 15.54 43.51
N ILE B 413 -13.42 14.66 42.71
CA ILE B 413 -12.65 13.50 43.17
C ILE B 413 -11.16 13.74 42.96
N ASP B 414 -10.37 13.56 44.03
CA ASP B 414 -8.92 13.62 43.93
C ASP B 414 -8.56 12.18 43.58
N PHE B 415 -8.27 11.95 42.28
CA PHE B 415 -7.98 10.62 41.76
C PHE B 415 -6.67 10.04 42.28
N GLU B 416 -5.72 10.93 42.65
CA GLU B 416 -4.42 10.56 43.23
C GLU B 416 -4.63 10.06 44.68
N ASP B 417 -5.41 10.81 45.50
CA ASP B 417 -5.73 10.49 46.89
C ASP B 417 -6.61 9.24 47.06
N SER B 418 -7.37 8.87 46.01
CA SER B 418 -8.25 7.70 46.05
C SER B 418 -7.74 6.58 45.11
N ALA B 419 -6.40 6.47 44.93
CA ALA B 419 -5.74 5.47 44.08
C ALA B 419 -5.95 4.00 44.50
N HIS B 420 -5.99 3.75 45.82
CA HIS B 420 -6.18 2.40 46.39
C HIS B 420 -7.66 2.01 46.40
N VAL B 421 -8.56 3.01 46.29
CA VAL B 421 -10.01 2.83 46.32
C VAL B 421 -10.55 1.90 45.19
N PRO B 422 -10.24 2.11 43.88
CA PRO B 422 -10.79 1.20 42.86
C PRO B 422 -10.12 -0.17 42.89
N CYS B 423 -10.96 -1.20 42.76
CA CYS B 423 -10.54 -2.58 42.77
C CYS B 423 -11.29 -3.33 41.66
N PRO B 424 -10.62 -4.22 40.88
CA PRO B 424 -11.32 -4.92 39.81
C PRO B 424 -12.38 -5.89 40.30
N ARG B 425 -13.49 -6.01 39.54
CA ARG B 425 -14.59 -6.90 39.87
C ARG B 425 -14.41 -8.16 39.05
N GLY B 426 -13.86 -9.17 39.70
CA GLY B 426 -13.59 -10.45 39.06
C GLY B 426 -12.47 -10.44 38.05
N HIS B 427 -12.50 -11.38 37.12
CA HIS B 427 -11.48 -11.60 36.11
C HIS B 427 -12.11 -11.88 34.76
N VAL B 428 -11.44 -11.44 33.68
CA VAL B 428 -11.86 -11.61 32.27
C VAL B 428 -10.74 -12.21 31.43
N ILE B 429 -11.09 -13.22 30.60
CA ILE B 429 -10.23 -13.83 29.59
C ILE B 429 -10.87 -13.48 28.23
N ALA B 430 -10.09 -12.92 27.29
CA ALA B 430 -10.55 -12.68 25.92
C ALA B 430 -9.77 -13.62 25.02
N ALA B 431 -10.40 -14.20 24.01
CA ALA B 431 -9.72 -15.12 23.12
C ALA B 431 -10.03 -14.78 21.69
N ARG B 432 -8.99 -14.59 20.88
CA ARG B 432 -9.14 -14.30 19.45
C ARG B 432 -9.46 -15.61 18.72
N ILE B 433 -10.54 -15.61 17.93
CA ILE B 433 -11.02 -16.79 17.17
C ILE B 433 -10.92 -16.56 15.68
N THR B 434 -10.63 -17.61 14.89
CA THR B 434 -10.47 -17.48 13.43
C THR B 434 -11.35 -18.42 12.61
N GLY B 447 -24.45 -10.89 6.02
CA GLY B 447 -23.92 -9.99 7.04
C GLY B 447 -22.41 -9.87 7.09
N THR B 448 -21.89 -9.19 8.13
CA THR B 448 -20.45 -8.99 8.37
C THR B 448 -20.08 -9.22 9.82
N VAL B 449 -21.06 -9.17 10.74
CA VAL B 449 -20.85 -9.35 12.17
C VAL B 449 -21.92 -10.26 12.74
N GLN B 450 -21.50 -11.45 13.23
CA GLN B 450 -22.41 -12.39 13.88
C GLN B 450 -22.14 -12.41 15.41
N GLU B 451 -23.10 -11.91 16.20
CA GLU B 451 -23.05 -11.89 17.66
C GLU B 451 -23.28 -13.31 18.16
N LEU B 452 -22.27 -13.89 18.82
CA LEU B 452 -22.35 -15.27 19.31
C LEU B 452 -22.99 -15.28 20.68
N ASN B 453 -24.15 -15.95 20.80
CA ASN B 453 -24.86 -16.13 22.08
C ASN B 453 -24.35 -17.44 22.64
N PHE B 454 -24.03 -17.44 23.93
CA PHE B 454 -23.55 -18.63 24.59
C PHE B 454 -24.59 -19.19 25.56
N ARG B 455 -25.21 -20.34 25.20
CA ARG B 455 -26.18 -21.03 26.05
C ARG B 455 -25.45 -21.71 27.24
N SER B 456 -24.11 -21.91 27.07
CA SER B 456 -23.25 -22.55 28.07
C SER B 456 -23.04 -21.72 29.32
N ASN B 457 -23.05 -20.38 29.23
CA ASN B 457 -22.82 -19.55 30.39
C ASN B 457 -23.18 -18.12 30.15
N LYS B 458 -23.77 -17.53 31.19
CA LYS B 458 -24.25 -16.17 31.27
C LYS B 458 -23.08 -15.16 31.28
N ASN B 459 -21.89 -15.61 31.75
CA ASN B 459 -20.66 -14.82 31.91
C ASN B 459 -19.76 -14.81 30.66
N VAL B 460 -20.21 -15.41 29.55
CA VAL B 460 -19.45 -15.45 28.29
C VAL B 460 -20.29 -14.88 27.12
N TRP B 461 -19.64 -14.08 26.28
CA TRP B 461 -20.24 -13.51 25.08
C TRP B 461 -19.13 -13.32 24.06
N GLY B 462 -19.53 -13.11 22.83
CA GLY B 462 -18.56 -12.90 21.76
C GLY B 462 -19.18 -12.39 20.49
N TYR B 463 -18.37 -12.40 19.43
CA TYR B 463 -18.76 -12.00 18.08
C TYR B 463 -17.80 -12.67 17.10
N PHE B 464 -18.25 -12.82 15.87
CA PHE B 464 -17.45 -13.33 14.78
C PHE B 464 -17.67 -12.36 13.62
N SER B 465 -16.59 -11.88 13.00
CA SER B 465 -16.61 -10.92 11.88
C SER B 465 -16.08 -11.57 10.61
N VAL B 466 -16.71 -11.29 9.45
CA VAL B 466 -16.29 -11.91 8.17
C VAL B 466 -15.66 -10.91 7.20
N GLN B 479 -12.81 -14.09 8.64
CA GLN B 479 -11.67 -13.29 9.10
C GLN B 479 -11.27 -13.66 10.55
N PHE B 480 -11.92 -13.04 11.56
CA PHE B 480 -11.67 -13.26 12.98
C PHE B 480 -12.78 -12.71 13.88
N GLY B 481 -12.76 -13.13 15.15
CA GLY B 481 -13.68 -12.67 16.19
C GLY B 481 -13.04 -12.67 17.57
N HIS B 482 -13.87 -12.45 18.60
CA HIS B 482 -13.43 -12.49 19.99
C HIS B 482 -14.51 -13.04 20.90
N CYS B 483 -14.10 -13.82 21.90
CA CYS B 483 -14.95 -14.32 22.97
C CYS B 483 -14.45 -13.70 24.24
N PHE B 484 -15.38 -13.34 25.12
CA PHE B 484 -15.04 -12.70 26.39
C PHE B 484 -15.67 -13.47 27.51
N SER B 485 -14.85 -13.90 28.48
CA SER B 485 -15.31 -14.72 29.58
C SER B 485 -15.00 -14.10 30.93
N TRP B 486 -16.04 -13.76 31.68
CA TRP B 486 -15.90 -13.20 33.02
C TRP B 486 -16.04 -14.35 34.02
N GLY B 487 -15.39 -14.18 35.17
CA GLY B 487 -15.41 -15.10 36.30
C GLY B 487 -15.11 -14.34 37.58
N GLU B 488 -15.42 -14.93 38.76
CA GLU B 488 -15.14 -14.29 40.06
C GLU B 488 -13.63 -14.17 40.26
N ASN B 489 -12.88 -15.09 39.63
CA ASN B 489 -11.42 -15.15 39.62
C ASN B 489 -10.93 -15.74 38.29
N ARG B 490 -9.61 -15.76 38.09
CA ARG B 490 -8.91 -16.28 36.91
C ARG B 490 -9.36 -17.69 36.54
N GLU B 491 -9.33 -18.63 37.53
CA GLU B 491 -9.70 -20.03 37.36
C GLU B 491 -11.12 -20.18 36.81
N GLU B 492 -12.10 -19.45 37.39
CA GLU B 492 -13.49 -19.47 36.92
C GLU B 492 -13.59 -18.82 35.53
N ALA B 493 -12.80 -17.77 35.26
CA ALA B 493 -12.79 -17.11 33.95
C ALA B 493 -12.29 -18.08 32.84
N ILE B 494 -11.19 -18.85 33.10
CA ILE B 494 -10.61 -19.83 32.16
C ILE B 494 -11.63 -20.97 31.91
N SER B 495 -12.25 -21.49 33.00
CA SER B 495 -13.24 -22.58 32.98
C SER B 495 -14.42 -22.27 32.09
N ASN B 496 -15.00 -21.07 32.26
CA ASN B 496 -16.14 -20.61 31.46
C ASN B 496 -15.78 -20.48 29.98
N MET B 497 -14.55 -19.99 29.68
CA MET B 497 -14.05 -19.85 28.32
C MET B 497 -13.94 -21.20 27.59
N VAL B 498 -13.23 -22.18 28.17
CA VAL B 498 -13.07 -23.55 27.65
C VAL B 498 -14.46 -24.19 27.34
N VAL B 499 -15.46 -24.15 28.27
CA VAL B 499 -16.82 -24.69 28.02
C VAL B 499 -17.55 -23.95 26.90
N ALA B 500 -17.39 -22.61 26.84
CA ALA B 500 -17.94 -21.76 25.76
C ALA B 500 -17.31 -22.14 24.42
N LEU B 501 -15.96 -22.34 24.41
CA LEU B 501 -15.24 -22.72 23.19
C LEU B 501 -15.61 -24.15 22.75
N LYS B 502 -15.90 -25.04 23.74
CA LYS B 502 -16.38 -26.41 23.52
C LYS B 502 -17.78 -26.40 22.90
N GLU B 503 -18.67 -25.45 23.32
CA GLU B 503 -20.01 -25.29 22.76
C GLU B 503 -19.86 -24.76 21.32
N LEU B 504 -18.95 -23.80 21.13
CA LEU B 504 -18.63 -23.19 19.85
C LEU B 504 -18.03 -24.24 18.89
N SER B 505 -17.36 -25.27 19.45
CA SER B 505 -16.72 -26.38 18.72
C SER B 505 -17.75 -27.23 17.94
N ILE B 506 -19.01 -27.29 18.43
CA ILE B 506 -20.14 -28.01 17.81
C ILE B 506 -20.54 -27.39 16.44
N ARG B 507 -20.14 -26.12 16.20
CA ARG B 507 -20.37 -25.38 14.95
C ARG B 507 -19.26 -25.76 13.95
N GLY B 508 -19.66 -26.06 12.70
CA GLY B 508 -18.77 -26.44 11.61
C GLY B 508 -17.55 -25.56 11.47
N ASP B 509 -17.79 -24.24 11.35
CA ASP B 509 -16.80 -23.15 11.19
C ASP B 509 -15.74 -23.10 12.30
N PHE B 510 -16.11 -23.46 13.54
CA PHE B 510 -15.17 -23.41 14.66
C PHE B 510 -14.74 -24.75 15.21
N ARG B 511 -14.41 -25.68 14.32
CA ARG B 511 -14.02 -27.01 14.78
C ARG B 511 -12.52 -27.04 15.10
N THR B 512 -11.66 -26.81 14.07
CA THR B 512 -10.20 -26.83 14.18
C THR B 512 -9.65 -25.65 14.99
N THR B 513 -10.13 -24.44 14.65
CA THR B 513 -9.74 -23.15 15.21
C THR B 513 -9.84 -23.04 16.75
N VAL B 514 -10.93 -23.49 17.35
CA VAL B 514 -11.05 -23.39 18.81
C VAL B 514 -10.28 -24.48 19.55
N GLU B 515 -9.93 -25.60 18.88
CA GLU B 515 -9.20 -26.71 19.50
C GLU B 515 -7.87 -26.27 20.11
N TYR B 516 -7.08 -25.49 19.34
CA TYR B 516 -5.80 -24.89 19.69
CA TYR B 516 -5.80 -24.97 19.78
C TYR B 516 -5.94 -24.01 20.96
N LEU B 517 -7.06 -23.23 21.01
CA LEU B 517 -7.38 -22.30 22.11
C LEU B 517 -7.67 -23.08 23.40
N ILE B 518 -8.53 -24.11 23.31
CA ILE B 518 -8.85 -25.03 24.42
C ILE B 518 -7.53 -25.67 24.92
N LYS B 519 -6.74 -26.25 24.01
CA LYS B 519 -5.43 -26.86 24.31
C LYS B 519 -4.55 -25.85 25.08
N LEU B 520 -4.42 -24.64 24.52
CA LEU B 520 -3.63 -23.50 25.02
C LEU B 520 -4.05 -23.12 26.47
N LEU B 521 -5.36 -23.00 26.68
CA LEU B 521 -5.96 -22.62 27.96
C LEU B 521 -5.82 -23.67 29.05
N GLU B 522 -5.80 -24.95 28.68
CA GLU B 522 -5.67 -26.08 29.61
C GLU B 522 -4.23 -26.44 29.98
N THR B 523 -3.21 -25.97 29.20
CA THR B 523 -1.79 -26.22 29.49
C THR B 523 -1.45 -25.73 30.88
N GLU B 524 -0.64 -26.51 31.64
CA GLU B 524 -0.21 -26.18 33.00
C GLU B 524 0.46 -24.81 33.06
N SER B 525 1.30 -24.48 32.04
CA SER B 525 2.00 -23.19 31.95
C SER B 525 1.00 -22.03 31.97
N PHE B 526 -0.08 -22.11 31.15
CA PHE B 526 -1.13 -21.09 31.14
C PHE B 526 -1.92 -21.07 32.45
N GLN B 527 -2.36 -22.25 32.94
CA GLN B 527 -3.09 -22.40 34.21
C GLN B 527 -2.29 -21.77 35.36
N MET B 528 -0.97 -21.97 35.37
CA MET B 528 -0.08 -21.43 36.39
C MET B 528 0.42 -20.00 36.09
N ASN B 529 -0.03 -19.40 34.95
CA ASN B 529 0.31 -18.05 34.48
C ASN B 529 1.85 -17.89 34.34
N ARG B 530 2.47 -18.91 33.73
CA ARG B 530 3.91 -19.04 33.52
C ARG B 530 4.17 -19.05 32.01
N ILE B 531 3.73 -17.97 31.36
CA ILE B 531 3.82 -17.75 29.92
C ILE B 531 4.61 -16.48 29.68
N ASP B 532 4.93 -16.19 28.41
CA ASP B 532 5.64 -14.99 27.98
C ASP B 532 5.30 -14.69 26.52
N THR B 533 5.87 -13.60 25.97
CA THR B 533 5.65 -13.16 24.59
C THR B 533 6.06 -14.18 23.50
N GLY B 534 7.04 -15.03 23.80
CA GLY B 534 7.53 -16.04 22.87
C GLY B 534 6.94 -17.43 23.02
N TRP B 535 6.15 -17.64 24.09
CA TRP B 535 5.50 -18.90 24.48
C TRP B 535 4.83 -19.65 23.31
N LEU B 536 3.71 -19.13 22.75
CA LEU B 536 2.97 -19.72 21.62
C LEU B 536 3.85 -20.02 20.39
N ASP B 537 4.71 -19.07 20.00
CA ASP B 537 5.61 -19.18 18.83
C ASP B 537 6.69 -20.29 18.93
N ARG B 538 6.97 -20.78 20.15
CA ARG B 538 7.96 -21.82 20.45
C ARG B 538 7.31 -23.20 20.36
N LEU B 539 5.97 -23.23 20.35
CA LEU B 539 5.19 -24.44 20.18
C LEU B 539 4.82 -24.58 18.71
#